data_6FHJ
#
_entry.id   6FHJ
#
_cell.length_a   103.350
_cell.length_b   103.350
_cell.length_c   212.500
_cell.angle_alpha   90.00
_cell.angle_beta   90.00
_cell.angle_gamma   120.00
#
_symmetry.space_group_name_H-M   'P 32 2 1'
#
loop_
_entity.id
_entity.type
_entity.pdbx_description
1 polymer protein,protein
2 non-polymer 'CALCIUM ION'
3 non-polymer 'SODIUM ION'
4 non-polymer 'CHLORIDE ION'
5 non-polymer DI(HYDROXYETHYL)ETHER
6 non-polymer 'MALONATE ION'
7 water water
#
_entity_poly.entity_id   1
_entity_poly.type   'polypeptide(L)'
_entity_poly.pdbx_seq_one_letter_code
;GVVQSVNVSQAGYSSNDFKTATVTASDKLSDTSYQILQGTTVIATGTMKDEGYVWGKYVYSIDFSSVTATGTNFTIRSNG
VSSYTFPIQTNMWNEYKDEMTAFYRLLRTTDTFAAYPAGYSNIAPSNKILHPDSFLDDAFSPDRTTHYDLTGGWFDAGDY
GKYGGNQWVQGNIAISYLRHASSAAVNFDKDTNGIPDLVDEAIFGSQYLVKFANQLGGAIHNILRKGGFVLPHKVTDNVP
GNTDDRALEAVEAVGGSGKSSGSLAATARAIRTAIAGGKVAANKVAQLQTLANEFQAAAIIFYNYTLTHQSGNHGSYGTM
NNGGIANPLLWAEVQLYLLTGDAAYKTQAQTRINAINEAYVSSTNYWDMHPIALAEFYPVADSAIKTKIQSILKHQAYYF
ITLMDETPYGVLNQFGNFGVNEPHASYMADLLRYYELFNDPVALRAAKKALYWIVGNNPWNISWVSGVGSNFTDFLHTRL
DEEAYSQTNTGVVLPGAMVSGPNIKDPNNKLSSSPWYEDKPIWADDTNQWRYNEYSVSIQTGLFYTIMGLSALGGNASTG
GAEPVKLPITWPIIGDYVTGDVTVFAQPEGSLSNVSANGIVLSPSDGVYTTTVSTSADAPYTERKVQIKGTDDSGFTTYS
NTHFTVAPALPDPSHPLLFDDFNQKGIWGSQKLDWVNWYNQNGGTASYTRTTVDTRTVGKFAHTPAATTSKAKFQPWKYN
ANLNGYRYLNFTMKNPGYPNTKIRIAANDGTKSVNLTSGEVAISSTWTTYQYDLNLHPTLNKSNVLIEVWLSNPTAGAYG
EILIDEISAVNTNSGTAPTLSATGVNASIGNQSTVFTYTATYTDANNQAPFDVQVVIDGVIRSMTAADPTDTTYSDGRVY
TYATTLPVGTHKFYFRTTDTTTNFVSTSVQTGPTVIRNKLEAEVLSINLTNYTHAVKDNADASGGKYRLFNGRQANDYIE
YAVNVPKAGTYQVSA(UNK)(UNK)(UNK)(UNK)(UNK)(UNK)(UNK)(UNK)(UNK)(UNK)(UNK)(UNK)(UNK)
(UNK)(UNK)(UNK)(UNK)G(UNK)(UNK)(UNK)(UNK)(UNK)(UNK)(UNK)(UNK)(UNK)(UNK)(UNK)
(UNK)(UNK)(UNK)(UNK)(UNK)
;
_entity_poly.pdbx_strand_id   A
#
# COMPACT_ATOMS: atom_id res chain seq x y z
N GLY A 1 25.53 14.37 -10.90
CA GLY A 1 24.66 14.26 -9.66
C GLY A 1 23.82 15.50 -9.43
N VAL A 2 22.52 15.42 -9.66
CA VAL A 2 21.65 16.60 -9.71
C VAL A 2 20.47 16.42 -8.73
N VAL A 3 20.12 17.48 -8.01
CA VAL A 3 19.00 17.45 -7.06
C VAL A 3 17.67 17.52 -7.78
N GLN A 4 16.80 16.54 -7.50
CA GLN A 4 15.47 16.47 -8.11
C GLN A 4 14.46 17.25 -7.29
N SER A 5 14.51 17.09 -5.98
CA SER A 5 13.57 17.77 -5.08
C SER A 5 14.14 17.83 -3.68
N VAL A 6 13.74 18.87 -2.95
CA VAL A 6 13.94 18.97 -1.51
C VAL A 6 12.54 18.81 -0.90
N ASN A 7 12.32 17.69 -0.20
CA ASN A 7 11.00 17.30 0.32
C ASN A 7 10.88 17.63 1.79
N VAL A 8 9.74 18.22 2.18
CA VAL A 8 9.51 18.75 3.52
C VAL A 8 8.10 18.41 3.97
N SER A 9 7.83 18.56 5.26
CA SER A 9 6.46 18.68 5.75
C SER A 9 5.89 20.01 5.26
N GLN A 10 5.11 19.92 4.17
CA GLN A 10 4.47 21.08 3.54
C GLN A 10 3.42 21.74 4.44
N ALA A 11 2.93 21.00 5.43
CA ALA A 11 2.03 21.51 6.46
C ALA A 11 2.73 22.32 7.56
N GLY A 12 4.07 22.21 7.62
CA GLY A 12 4.86 22.85 8.65
C GLY A 12 5.36 21.93 9.74
N TYR A 13 5.91 22.55 10.78
CA TYR A 13 6.49 21.87 11.95
C TYR A 13 6.22 22.75 13.16
N SER A 14 6.20 22.15 14.34
CA SER A 14 6.11 22.93 15.56
C SER A 14 7.55 23.40 16.01
N SER A 15 7.66 24.58 16.60
CA SER A 15 9.02 25.19 16.85
C SER A 15 9.98 24.45 17.82
N ASN A 16 9.41 23.72 18.80
CA ASN A 16 10.22 22.83 19.65
C ASN A 16 10.29 21.35 19.23
N ASP A 17 9.68 20.97 18.10
CA ASP A 17 9.68 19.53 17.70
C ASP A 17 10.93 19.10 16.96
N PHE A 18 11.13 17.78 16.92
CA PHE A 18 11.99 17.16 15.94
C PHE A 18 11.58 17.60 14.54
N LYS A 19 12.56 17.90 13.69
CA LYS A 19 12.27 18.33 12.30
C LYS A 19 13.22 17.64 11.33
N THR A 20 12.68 17.18 10.22
CA THR A 20 13.45 16.55 9.21
C THR A 20 12.91 16.83 7.82
N ALA A 21 13.81 16.72 6.85
CA ALA A 21 13.51 16.84 5.44
C ALA A 21 14.45 15.93 4.67
N THR A 22 14.15 15.70 3.39
CA THR A 22 14.98 14.89 2.54
C THR A 22 15.33 15.60 1.22
N VAL A 23 16.46 15.16 0.63
CA VAL A 23 16.90 15.60 -0.68
C VAL A 23 17.06 14.39 -1.57
N THR A 24 16.27 14.36 -2.64
CA THR A 24 16.30 13.27 -3.60
C THR A 24 17.09 13.72 -4.82
N ALA A 25 18.18 13.01 -5.12
CA ALA A 25 19.11 13.35 -6.21
C ALA A 25 19.27 12.20 -7.22
N SER A 26 19.70 12.53 -8.44
CA SER A 26 19.90 11.53 -9.47
C SER A 26 21.08 10.60 -9.11
N ASP A 27 22.05 11.12 -8.37
CA ASP A 27 23.24 10.35 -7.97
C ASP A 27 23.95 11.08 -6.81
N LYS A 28 25.02 10.51 -6.22
CA LYS A 28 25.80 11.17 -5.15
C LYS A 28 26.18 12.59 -5.58
N LEU A 29 26.02 13.55 -4.67
CA LEU A 29 26.31 14.97 -4.91
C LEU A 29 27.72 15.30 -4.46
N SER A 30 28.40 16.19 -5.20
CA SER A 30 29.73 16.69 -4.83
C SER A 30 29.62 17.67 -3.65
N ASP A 31 28.60 18.53 -3.73
CA ASP A 31 28.31 19.50 -2.71
C ASP A 31 27.16 18.92 -1.87
N THR A 32 27.48 18.52 -0.63
CA THR A 32 26.50 17.99 0.32
C THR A 32 26.04 19.00 1.36
N SER A 33 26.26 20.30 1.12
CA SER A 33 25.73 21.34 2.00
C SER A 33 24.26 21.64 1.74
N TYR A 34 23.61 22.15 2.78
CA TYR A 34 22.24 22.71 2.68
C TYR A 34 22.21 24.07 3.34
N GLN A 35 21.17 24.83 3.00
CA GLN A 35 20.85 26.09 3.61
C GLN A 35 19.38 26.03 3.99
N ILE A 36 19.05 26.69 5.10
CA ILE A 36 17.67 26.94 5.49
C ILE A 36 17.47 28.45 5.39
N LEU A 37 16.40 28.88 4.73
CA LEU A 37 16.11 30.31 4.50
C LEU A 37 14.76 30.74 5.03
N GLN A 38 14.69 32.02 5.38
CA GLN A 38 13.43 32.76 5.46
C GLN A 38 13.42 33.82 4.37
N GLY A 39 12.44 33.71 3.47
CA GLY A 39 12.39 34.49 2.26
C GLY A 39 13.62 34.17 1.45
N THR A 40 14.43 35.20 1.19
CA THR A 40 15.67 35.07 0.47
C THR A 40 16.90 35.21 1.40
N THR A 41 16.68 35.18 2.73
CA THR A 41 17.75 35.25 3.72
C THR A 41 18.10 33.88 4.30
N VAL A 42 19.37 33.52 4.27
CA VAL A 42 19.85 32.29 4.91
C VAL A 42 19.90 32.44 6.46
N ILE A 43 19.25 31.53 7.19
CA ILE A 43 19.24 31.48 8.70
C ILE A 43 20.02 30.31 9.36
N ALA A 44 20.41 29.31 8.57
CA ALA A 44 21.19 28.15 9.07
C ALA A 44 21.79 27.46 7.87
N THR A 45 22.94 26.84 8.08
CA THR A 45 23.60 26.01 7.07
C THR A 45 24.17 24.77 7.74
N GLY A 46 24.48 23.77 6.94
CA GLY A 46 25.21 22.62 7.43
C GLY A 46 25.47 21.59 6.35
N THR A 47 25.80 20.38 6.79
CA THR A 47 26.10 19.23 5.91
C THR A 47 24.97 18.20 6.00
N MET A 48 24.46 17.76 4.84
CA MET A 48 23.39 16.76 4.79
C MET A 48 23.95 15.40 5.22
N LYS A 49 23.07 14.54 5.76
CA LYS A 49 23.44 13.16 6.06
C LYS A 49 23.18 12.25 4.84
N ASP A 50 24.18 11.45 4.45
CA ASP A 50 24.12 10.49 3.33
C ASP A 50 23.20 9.31 3.72
N GLU A 51 22.18 9.04 2.90
CA GLU A 51 21.26 7.90 3.11
C GLU A 51 21.34 6.85 1.99
N GLY A 52 22.26 6.98 1.04
CA GLY A 52 22.50 5.94 0.03
C GLY A 52 21.43 5.88 -1.05
N TYR A 53 21.50 4.85 -1.90
CA TYR A 53 20.54 4.67 -2.96
C TYR A 53 19.25 4.07 -2.43
N VAL A 54 18.14 4.72 -2.71
CA VAL A 54 16.81 4.29 -2.31
C VAL A 54 15.91 4.57 -3.49
N TRP A 55 15.18 3.54 -3.92
CA TRP A 55 14.17 3.67 -4.99
C TRP A 55 14.68 4.41 -6.27
N GLY A 56 15.83 4.00 -6.80
CA GLY A 56 16.39 4.52 -8.07
C GLY A 56 17.08 5.90 -7.99
N LYS A 57 17.23 6.40 -6.77
CA LYS A 57 17.76 7.73 -6.48
C LYS A 57 18.77 7.69 -5.33
N TYR A 58 19.62 8.72 -5.25
CA TYR A 58 20.51 8.88 -4.11
C TYR A 58 19.87 9.87 -3.15
N VAL A 59 19.81 9.55 -1.86
CA VAL A 59 19.02 10.35 -0.94
C VAL A 59 19.87 10.88 0.20
N TYR A 60 19.54 12.08 0.67
CA TYR A 60 20.13 12.70 1.84
C TYR A 60 19.04 13.13 2.80
N SER A 61 19.34 13.14 4.09
CA SER A 61 18.42 13.68 5.09
C SER A 61 19.02 14.85 5.82
N ILE A 62 18.13 15.69 6.36
CA ILE A 62 18.49 16.91 7.10
C ILE A 62 17.69 16.97 8.40
N ASP A 63 18.39 16.85 9.52
CA ASP A 63 17.80 17.05 10.84
C ASP A 63 17.97 18.50 11.22
N PHE A 64 16.91 19.31 11.12
CA PHE A 64 17.00 20.74 11.48
C PHE A 64 16.21 21.12 12.73
N SER A 65 16.06 20.13 13.63
CA SER A 65 15.32 20.26 14.90
C SER A 65 15.73 21.47 15.73
N SER A 66 17.03 21.75 15.79
CA SER A 66 17.53 22.90 16.57
C SER A 66 17.09 24.29 16.07
N VAL A 67 16.58 24.38 14.85
CA VAL A 67 15.87 25.61 14.40
C VAL A 67 14.53 25.73 15.16
N THR A 68 14.41 26.74 16.01
CA THR A 68 13.16 27.02 16.73
C THR A 68 12.49 28.34 16.29
N ALA A 69 13.09 29.03 15.31
CA ALA A 69 12.49 30.22 14.70
C ALA A 69 11.08 29.92 14.20
N THR A 70 10.21 30.92 14.31
CA THR A 70 8.83 30.84 13.88
C THR A 70 8.56 31.72 12.65
N GLY A 71 7.54 31.31 11.91
CA GLY A 71 7.04 32.07 10.81
C GLY A 71 6.48 31.23 9.70
N THR A 72 6.43 31.85 8.53
CA THR A 72 5.52 31.48 7.47
C THR A 72 6.25 31.19 6.13
N ASN A 73 7.52 31.51 6.02
CA ASN A 73 8.19 31.62 4.72
C ASN A 73 9.52 30.87 4.70
N PHE A 74 9.56 29.69 5.32
CA PHE A 74 10.81 28.93 5.38
C PHE A 74 10.96 28.12 4.09
N THR A 75 12.20 27.94 3.63
CA THR A 75 12.53 26.90 2.63
C THR A 75 13.83 26.20 3.03
N ILE A 76 14.02 24.99 2.52
CA ILE A 76 15.30 24.29 2.60
C ILE A 76 15.84 24.19 1.18
N ARG A 77 17.16 24.37 1.05
CA ARG A 77 17.83 24.48 -0.23
C ARG A 77 19.12 23.71 -0.28
N SER A 78 19.37 23.06 -1.41
CA SER A 78 20.66 22.43 -1.66
C SER A 78 20.94 22.40 -3.16
N ASN A 79 22.19 22.68 -3.54
CA ASN A 79 22.61 22.64 -4.97
C ASN A 79 21.62 23.42 -5.86
N GLY A 80 21.27 24.63 -5.39
CA GLY A 80 20.40 25.57 -6.10
C GLY A 80 18.95 25.22 -6.29
N VAL A 81 18.48 24.18 -5.59
CA VAL A 81 17.11 23.74 -5.65
C VAL A 81 16.48 23.98 -4.29
N SER A 82 15.33 24.64 -4.26
CA SER A 82 14.56 24.84 -3.03
C SER A 82 13.33 23.96 -2.88
N SER A 83 12.99 23.69 -1.62
CA SER A 83 11.70 23.10 -1.27
C SER A 83 10.60 24.11 -1.51
N TYR A 84 9.36 23.62 -1.41
CA TYR A 84 8.23 24.50 -1.23
C TYR A 84 8.41 25.23 0.10
N THR A 85 7.71 26.34 0.17
CA THR A 85 7.66 27.20 1.33
C THR A 85 6.71 26.60 2.37
N PHE A 86 7.16 26.56 3.63
CA PHE A 86 6.40 25.96 4.73
C PHE A 86 6.50 26.82 5.99
N PRO A 87 5.54 26.65 6.93
CA PRO A 87 5.60 27.37 8.18
C PRO A 87 6.22 26.62 9.37
N ILE A 88 6.64 27.38 10.37
CA ILE A 88 7.01 26.81 11.67
C ILE A 88 6.30 27.65 12.71
N GLN A 89 5.55 26.98 13.59
CA GLN A 89 4.70 27.67 14.60
C GLN A 89 4.89 27.00 15.95
N THR A 90 4.54 27.69 17.02
CA THR A 90 4.59 27.14 18.38
C THR A 90 3.82 25.80 18.40
N ASN A 91 2.59 25.82 17.90
CA ASN A 91 1.72 24.62 17.86
C ASN A 91 1.17 24.48 16.44
N MET A 92 1.91 23.78 15.59
CA MET A 92 1.60 23.69 14.18
C MET A 92 0.33 22.88 13.91
N TRP A 93 0.17 21.75 14.61
CA TRP A 93 -0.88 20.74 14.30
C TRP A 93 -2.27 21.21 14.78
N ASN A 94 -2.30 22.09 15.77
CA ASN A 94 -3.48 22.87 16.15
C ASN A 94 -4.12 23.58 14.95
N GLU A 95 -3.34 24.00 13.95
N GLU A 95 -3.34 24.00 13.95
CA GLU A 95 -3.88 24.67 12.75
CA GLU A 95 -3.89 24.68 12.78
C GLU A 95 -4.76 23.77 11.88
C GLU A 95 -4.66 23.77 11.80
N TYR A 96 -4.60 22.45 11.98
CA TYR A 96 -5.30 21.49 11.13
C TYR A 96 -6.47 20.74 11.79
N LYS A 97 -6.75 21.01 13.06
CA LYS A 97 -7.89 20.34 13.75
C LYS A 97 -9.27 20.62 13.12
N ASP A 98 -9.44 21.85 12.67
CA ASP A 98 -10.64 22.28 11.97
C ASP A 98 -10.86 21.59 10.61
N GLU A 99 -9.80 21.33 9.86
CA GLU A 99 -9.93 20.55 8.62
C GLU A 99 -10.29 19.08 8.92
N MET A 100 -9.79 18.54 10.03
CA MET A 100 -10.12 17.16 10.42
C MET A 100 -11.60 16.93 10.71
N THR A 101 -12.22 17.86 11.44
CA THR A 101 -13.68 17.79 11.65
C THR A 101 -14.44 18.20 10.40
N ALA A 102 -13.92 19.15 9.63
CA ALA A 102 -14.54 19.51 8.34
C ALA A 102 -14.69 18.33 7.37
N PHE A 103 -13.66 17.49 7.32
CA PHE A 103 -13.70 16.27 6.53
C PHE A 103 -14.98 15.45 6.80
N TYR A 104 -15.24 15.18 8.08
CA TYR A 104 -16.45 14.41 8.44
C TYR A 104 -17.74 15.21 8.22
N ARG A 105 -17.72 16.50 8.54
CA ARG A 105 -18.94 17.31 8.35
C ARG A 105 -19.42 17.29 6.88
N LEU A 106 -18.44 17.31 5.95
CA LEU A 106 -18.67 17.37 4.51
C LEU A 106 -19.02 16.01 3.89
N LEU A 107 -18.87 14.92 4.64
CA LEU A 107 -19.26 13.59 4.24
C LEU A 107 -20.57 13.14 4.84
N ARG A 108 -21.18 13.99 5.68
CA ARG A 108 -22.51 13.69 6.20
C ARG A 108 -23.55 13.55 5.07
N THR A 109 -24.50 12.62 5.19
CA THR A 109 -25.59 12.49 4.17
C THR A 109 -26.56 13.71 4.19
N THR A 110 -26.55 14.44 5.31
CA THR A 110 -27.46 15.54 5.54
C THR A 110 -26.97 16.83 4.81
N ASP A 111 -27.71 17.92 4.96
CA ASP A 111 -27.37 19.21 4.34
C ASP A 111 -25.99 19.70 4.73
N THR A 112 -25.04 19.68 3.78
CA THR A 112 -23.67 20.13 4.08
C THR A 112 -23.45 21.66 3.98
N PHE A 113 -24.37 22.40 3.36
CA PHE A 113 -24.35 23.90 3.46
C PHE A 113 -24.56 24.30 4.93
N ALA A 114 -25.33 23.50 5.67
CA ALA A 114 -25.59 23.77 7.10
C ALA A 114 -24.51 23.12 8.01
N ALA A 115 -24.08 21.91 7.68
CA ALA A 115 -23.06 21.21 8.49
C ALA A 115 -21.69 21.89 8.40
N TYR A 116 -21.41 22.53 7.25
CA TYR A 116 -20.14 23.24 7.01
C TYR A 116 -20.49 24.71 6.78
N PRO A 117 -20.66 25.48 7.86
CA PRO A 117 -20.90 26.93 7.65
C PRO A 117 -19.68 27.61 7.03
N ALA A 118 -19.93 28.68 6.27
CA ALA A 118 -18.85 29.45 5.65
C ALA A 118 -17.82 29.83 6.71
N GLY A 119 -16.54 29.57 6.42
CA GLY A 119 -15.47 29.92 7.35
C GLY A 119 -15.19 28.94 8.48
N TYR A 120 -15.88 27.78 8.49
CA TYR A 120 -15.73 26.76 9.55
C TYR A 120 -14.25 26.33 9.70
N SER A 121 -13.62 25.99 8.57
CA SER A 121 -12.16 25.78 8.46
C SER A 121 -11.53 26.82 7.53
N ASN A 122 -10.28 27.20 7.76
CA ASN A 122 -9.68 28.26 6.94
C ASN A 122 -9.19 27.75 5.59
N ILE A 123 -9.01 26.44 5.46
CA ILE A 123 -8.88 25.78 4.16
C ILE A 123 -10.32 25.40 3.77
N ALA A 124 -10.81 25.98 2.69
CA ALA A 124 -12.21 25.86 2.26
C ALA A 124 -12.40 24.69 1.28
N PRO A 125 -13.57 24.05 1.33
CA PRO A 125 -13.88 23.04 0.34
C PRO A 125 -14.22 23.72 -0.98
N SER A 126 -14.12 22.98 -2.09
CA SER A 126 -14.69 23.44 -3.35
C SER A 126 -16.18 23.57 -3.12
N ASN A 127 -16.79 24.65 -3.59
CA ASN A 127 -18.21 24.89 -3.41
C ASN A 127 -19.09 23.77 -4.04
N LYS A 128 -18.60 23.22 -5.15
CA LYS A 128 -19.32 22.18 -5.89
C LYS A 128 -19.70 20.89 -5.10
N ILE A 129 -18.99 20.57 -4.01
CA ILE A 129 -19.30 19.37 -3.20
C ILE A 129 -20.48 19.55 -2.24
N LEU A 130 -20.92 20.79 -2.00
CA LEU A 130 -22.00 21.07 -1.04
C LEU A 130 -23.37 20.68 -1.60
N HIS A 131 -24.23 20.13 -0.73
CA HIS A 131 -25.55 19.61 -1.12
C HIS A 131 -26.58 19.70 0.02
N PRO A 132 -27.91 19.68 -0.31
CA PRO A 132 -28.94 19.58 0.74
C PRO A 132 -29.07 18.15 1.30
N ASP A 133 -30.03 17.93 2.20
CA ASP A 133 -30.28 16.59 2.81
C ASP A 133 -30.39 15.54 1.68
N SER A 134 -29.71 14.40 1.82
CA SER A 134 -29.78 13.32 0.81
C SER A 134 -30.10 11.96 1.40
N PHE A 135 -30.47 11.04 0.50
CA PHE A 135 -30.85 9.70 0.89
C PHE A 135 -31.78 9.68 2.12
N LEU A 136 -32.78 10.58 2.10
CA LEU A 136 -33.81 10.63 3.14
C LEU A 136 -34.77 9.43 3.05
N ASP A 137 -34.62 8.60 2.01
CA ASP A 137 -35.40 7.39 1.85
C ASP A 137 -34.63 6.08 2.18
N ASP A 138 -33.41 6.18 2.74
CA ASP A 138 -32.73 4.99 3.32
C ASP A 138 -33.59 4.52 4.51
N ALA A 139 -34.04 3.26 4.58
CA ALA A 139 -33.87 2.19 3.56
C ALA A 139 -34.88 1.06 3.79
N PHE A 140 -35.18 0.35 2.71
CA PHE A 140 -36.03 -0.83 2.73
C PHE A 140 -35.30 -2.02 3.33
N SER A 141 -36.06 -2.99 3.87
CA SER A 141 -35.57 -4.36 4.11
C SER A 141 -35.12 -4.92 2.75
N PRO A 142 -34.30 -5.99 2.73
CA PRO A 142 -33.79 -6.56 1.47
C PRO A 142 -34.84 -6.94 0.45
N ASP A 143 -35.96 -7.48 0.92
CA ASP A 143 -37.07 -7.81 0.02
C ASP A 143 -38.05 -6.66 -0.25
N ARG A 144 -37.79 -5.46 0.31
CA ARG A 144 -38.60 -4.26 0.09
C ARG A 144 -40.07 -4.38 0.56
N THR A 145 -40.30 -5.17 1.61
CA THR A 145 -41.65 -5.30 2.20
C THR A 145 -41.83 -4.42 3.44
N THR A 146 -40.74 -4.04 4.11
CA THR A 146 -40.82 -3.19 5.30
C THR A 146 -39.81 -2.08 5.12
N HIS A 147 -40.22 -0.85 5.41
CA HIS A 147 -39.33 0.30 5.30
C HIS A 147 -38.82 0.73 6.67
N TYR A 148 -37.53 1.04 6.78
CA TYR A 148 -36.89 1.50 8.02
C TYR A 148 -36.39 2.93 7.85
N ASP A 149 -36.40 3.70 8.94
CA ASP A 149 -35.76 5.02 8.96
C ASP A 149 -34.28 4.82 9.32
N LEU A 150 -33.42 4.86 8.30
CA LEU A 150 -31.97 4.65 8.47
C LEU A 150 -31.18 5.77 7.80
N THR A 151 -31.72 6.99 7.91
CA THR A 151 -31.08 8.15 7.30
C THR A 151 -29.99 8.69 8.22
N GLY A 152 -29.02 9.38 7.61
CA GLY A 152 -27.89 9.96 8.33
C GLY A 152 -26.64 9.12 8.25
N GLY A 153 -25.69 9.45 9.13
CA GLY A 153 -24.36 8.87 9.07
C GLY A 153 -23.51 9.53 8.00
N TRP A 154 -22.27 9.06 7.87
CA TRP A 154 -21.35 9.50 6.83
C TRP A 154 -21.29 8.53 5.65
N PHE A 155 -21.18 9.09 4.44
CA PHE A 155 -20.76 8.34 3.29
C PHE A 155 -19.38 7.76 3.60
N ASP A 156 -19.19 6.51 3.20
CA ASP A 156 -17.95 5.80 3.50
C ASP A 156 -16.71 6.43 2.88
N ALA A 157 -16.82 6.80 1.61
CA ALA A 157 -15.68 7.11 0.78
C ALA A 157 -16.09 7.97 -0.44
N GLY A 158 -15.58 7.70 -1.63
CA GLY A 158 -16.12 8.33 -2.85
C GLY A 158 -17.42 7.76 -3.40
N ASP A 159 -17.89 6.65 -2.83
CA ASP A 159 -19.21 6.11 -3.07
C ASP A 159 -20.08 6.48 -1.86
N TYR A 160 -21.38 6.37 -2.03
CA TYR A 160 -22.36 6.79 -1.04
C TYR A 160 -22.85 5.64 -0.13
N GLY A 161 -22.13 4.52 -0.13
CA GLY A 161 -22.42 3.40 0.76
C GLY A 161 -22.14 3.70 2.21
N LYS A 162 -22.81 2.96 3.08
CA LYS A 162 -22.68 3.02 4.55
C LYS A 162 -22.56 1.60 5.07
N TYR A 163 -21.38 1.26 5.59
CA TYR A 163 -21.02 -0.13 5.82
C TYR A 163 -20.92 -0.44 7.31
N GLY A 164 -21.55 -1.54 7.74
CA GLY A 164 -21.57 -1.90 9.19
C GLY A 164 -20.19 -1.98 9.82
N GLY A 165 -19.29 -2.63 9.11
CA GLY A 165 -17.91 -2.82 9.61
C GLY A 165 -17.09 -1.55 9.79
N ASN A 166 -17.54 -0.46 9.20
CA ASN A 166 -16.90 0.83 9.37
C ASN A 166 -17.59 1.74 10.38
N GLN A 167 -18.55 1.22 11.13
CA GLN A 167 -19.17 2.01 12.25
C GLN A 167 -18.44 1.98 13.64
N TRP A 168 -17.16 1.61 13.62
CA TRP A 168 -16.21 1.90 14.69
C TRP A 168 -15.64 3.33 14.65
N VAL A 169 -15.78 4.02 13.50
CA VAL A 169 -15.20 5.34 13.30
C VAL A 169 -15.74 6.38 14.31
N GLN A 170 -17.02 6.29 14.62
CA GLN A 170 -17.67 7.12 15.65
C GLN A 170 -16.87 7.07 16.96
N GLY A 171 -16.51 5.85 17.34
CA GLY A 171 -15.64 5.61 18.48
C GLY A 171 -14.23 6.18 18.40
N ASN A 172 -13.59 6.08 17.24
CA ASN A 172 -12.27 6.70 17.06
C ASN A 172 -12.32 8.20 17.33
N ILE A 173 -13.36 8.85 16.79
CA ILE A 173 -13.57 10.29 17.03
C ILE A 173 -13.80 10.58 18.51
N ALA A 174 -14.70 9.82 19.12
CA ALA A 174 -14.97 10.01 20.54
C ALA A 174 -13.68 9.85 21.38
N ILE A 175 -12.93 8.79 21.08
CA ILE A 175 -11.68 8.48 21.78
C ILE A 175 -10.63 9.60 21.57
N SER A 176 -10.56 10.14 20.35
CA SER A 176 -9.68 11.29 20.05
C SER A 176 -9.92 12.44 21.06
N TYR A 177 -11.19 12.71 21.34
CA TYR A 177 -11.60 13.69 22.35
C TYR A 177 -11.24 13.24 23.77
N LEU A 178 -11.67 12.04 24.13
CA LEU A 178 -11.54 11.55 25.50
C LEU A 178 -10.10 11.48 25.97
N ARG A 179 -9.19 11.04 25.09
CA ARG A 179 -7.78 10.89 25.50
C ARG A 179 -7.02 12.22 25.73
N HIS A 180 -7.64 13.34 25.36
CA HIS A 180 -7.08 14.68 25.55
C HIS A 180 -8.10 15.73 26.03
N ALA A 181 -9.14 15.26 26.74
CA ALA A 181 -10.32 16.08 27.01
C ALA A 181 -10.10 17.32 27.87
N SER A 182 -9.05 17.34 28.69
CA SER A 182 -8.80 18.50 29.54
C SER A 182 -8.00 19.57 28.81
N SER A 183 -7.49 19.25 27.61
CA SER A 183 -6.80 20.25 26.77
C SER A 183 -7.80 21.15 26.06
N ALA A 184 -7.69 22.47 26.28
CA ALA A 184 -8.50 23.46 25.57
C ALA A 184 -8.50 23.33 24.05
N ALA A 185 -7.35 22.97 23.49
CA ALA A 185 -7.21 22.80 22.04
C ALA A 185 -8.21 21.82 21.44
N VAL A 186 -8.47 20.70 22.09
CA VAL A 186 -9.39 19.70 21.51
C VAL A 186 -10.88 19.98 21.83
N ASN A 187 -11.15 21.05 22.58
CA ASN A 187 -12.53 21.44 22.85
C ASN A 187 -13.05 22.57 21.98
N PHE A 188 -12.39 22.81 20.85
CA PHE A 188 -12.82 23.86 19.91
C PHE A 188 -14.30 23.69 19.49
N ASP A 189 -14.99 24.83 19.41
CA ASP A 189 -16.42 24.91 19.08
C ASP A 189 -16.59 25.92 17.94
N LYS A 190 -16.15 25.53 16.76
CA LYS A 190 -16.09 26.43 15.59
C LYS A 190 -17.41 26.68 14.88
N ASP A 191 -18.44 25.85 15.14
CA ASP A 191 -19.82 26.20 14.76
C ASP A 191 -20.59 26.92 15.86
N THR A 192 -19.88 27.34 16.91
CA THR A 192 -20.42 28.04 18.08
C THR A 192 -21.85 27.59 18.47
N ASN A 193 -22.00 26.28 18.76
CA ASN A 193 -23.25 25.70 19.29
C ASN A 193 -23.17 25.17 20.71
N GLY A 194 -22.10 25.56 21.43
CA GLY A 194 -21.95 25.31 22.86
C GLY A 194 -21.47 23.90 23.17
N ILE A 195 -21.07 23.19 22.13
CA ILE A 195 -20.65 21.79 22.22
C ILE A 195 -19.33 21.58 21.43
N PRO A 196 -18.31 21.02 22.11
CA PRO A 196 -17.07 20.73 21.39
C PRO A 196 -17.34 19.98 20.10
N ASP A 197 -16.74 20.43 18.99
CA ASP A 197 -17.01 19.85 17.66
C ASP A 197 -16.67 18.35 17.54
N LEU A 198 -15.66 17.86 18.25
CA LEU A 198 -15.38 16.41 18.29
C LEU A 198 -16.58 15.63 18.85
N VAL A 199 -17.19 16.18 19.90
CA VAL A 199 -18.40 15.61 20.50
C VAL A 199 -19.60 15.75 19.54
N ASP A 200 -19.74 16.87 18.85
CA ASP A 200 -20.82 17.02 17.86
C ASP A 200 -20.69 15.92 16.80
N GLU A 201 -19.46 15.68 16.34
CA GLU A 201 -19.27 14.70 15.25
C GLU A 201 -19.57 13.24 15.68
N ALA A 202 -19.09 12.85 16.87
CA ALA A 202 -19.39 11.52 17.45
C ALA A 202 -20.90 11.34 17.69
N ILE A 203 -21.57 12.42 18.15
CA ILE A 203 -23.03 12.43 18.28
C ILE A 203 -23.71 12.13 16.93
N PHE A 204 -23.29 12.85 15.89
CA PHE A 204 -23.95 12.76 14.57
C PHE A 204 -23.86 11.33 14.06
N GLY A 205 -22.67 10.74 14.14
CA GLY A 205 -22.49 9.37 13.73
C GLY A 205 -23.26 8.38 14.60
N SER A 206 -23.32 8.66 15.90
CA SER A 206 -23.99 7.77 16.84
C SER A 206 -25.51 7.73 16.63
N GLN A 207 -26.10 8.85 16.19
CA GLN A 207 -27.54 8.91 15.89
C GLN A 207 -27.94 7.85 14.85
N TYR A 208 -27.06 7.62 13.86
CA TYR A 208 -27.31 6.63 12.82
C TYR A 208 -27.35 5.25 13.43
N LEU A 209 -26.42 5.00 14.36
CA LEU A 209 -26.38 3.69 15.07
C LEU A 209 -27.57 3.40 15.96
N VAL A 210 -28.08 4.42 16.66
CA VAL A 210 -29.32 4.30 17.44
C VAL A 210 -30.52 3.85 16.58
N LYS A 211 -30.60 4.34 15.34
CA LYS A 211 -31.71 3.97 14.43
C LYS A 211 -31.66 2.47 14.11
N PHE A 212 -30.45 1.94 13.83
CA PHE A 212 -30.29 0.47 13.73
C PHE A 212 -30.68 -0.27 15.02
N ALA A 213 -30.13 0.16 16.17
CA ALA A 213 -30.43 -0.53 17.46
C ALA A 213 -31.92 -0.66 17.76
N ASN A 214 -32.68 0.39 17.47
CA ASN A 214 -34.11 0.47 17.80
C ASN A 214 -35.00 -0.24 16.79
N GLN A 215 -34.49 -0.50 15.58
CA GLN A 215 -35.30 -1.14 14.52
C GLN A 215 -34.91 -2.61 14.15
N LEU A 216 -33.64 -2.97 14.34
CA LEU A 216 -33.13 -4.30 13.95
C LEU A 216 -32.64 -5.18 15.11
N GLY A 217 -32.93 -4.77 16.35
CA GLY A 217 -32.63 -5.57 17.53
C GLY A 217 -31.17 -5.84 17.86
N GLY A 218 -30.25 -5.10 17.25
CA GLY A 218 -28.83 -5.31 17.43
C GLY A 218 -28.08 -5.69 16.16
N ALA A 219 -28.81 -6.14 15.14
CA ALA A 219 -28.23 -6.38 13.83
C ALA A 219 -27.93 -5.06 13.10
N ILE A 220 -26.93 -5.09 12.22
CA ILE A 220 -26.64 -3.99 11.31
C ILE A 220 -26.27 -4.61 9.97
N HIS A 221 -26.63 -3.91 8.90
CA HIS A 221 -26.44 -4.35 7.52
C HIS A 221 -25.85 -3.20 6.75
N ASN A 222 -25.02 -3.53 5.74
CA ASN A 222 -24.56 -2.55 4.76
C ASN A 222 -25.75 -1.94 3.99
N ILE A 223 -25.62 -0.65 3.67
CA ILE A 223 -26.48 -0.01 2.64
C ILE A 223 -25.50 0.28 1.51
N LEU A 224 -25.66 -0.41 0.38
CA LEU A 224 -24.65 -0.39 -0.68
C LEU A 224 -24.71 0.89 -1.51
N ARG A 225 -23.60 1.15 -2.23
CA ARG A 225 -23.46 2.33 -3.12
C ARG A 225 -24.62 2.46 -4.10
N LYS A 226 -24.91 3.69 -4.50
CA LYS A 226 -25.80 3.95 -5.60
C LYS A 226 -25.49 5.31 -6.22
N GLY A 227 -25.67 5.39 -7.53
CA GLY A 227 -25.52 6.63 -8.28
C GLY A 227 -24.22 6.74 -9.01
N GLY A 228 -24.24 7.60 -10.03
CA GLY A 228 -23.06 7.97 -10.84
C GLY A 228 -22.34 9.12 -10.16
N PHE A 229 -21.57 9.86 -10.93
CA PHE A 229 -20.79 10.96 -10.39
C PHE A 229 -21.66 12.22 -10.36
N VAL A 230 -22.62 12.17 -9.43
CA VAL A 230 -23.59 13.22 -9.20
C VAL A 230 -23.73 13.39 -7.70
N LEU A 231 -24.05 14.61 -7.29
CA LEU A 231 -24.29 14.90 -5.89
C LEU A 231 -25.42 14.02 -5.34
N PRO A 232 -25.35 13.70 -4.03
CA PRO A 232 -26.15 12.57 -3.48
C PRO A 232 -27.65 12.79 -3.49
N HIS A 233 -28.07 14.05 -3.37
CA HIS A 233 -29.49 14.40 -3.43
C HIS A 233 -30.12 14.18 -4.80
N LYS A 234 -29.30 14.03 -5.84
CA LYS A 234 -29.77 13.69 -7.16
C LYS A 234 -29.94 12.17 -7.43
N VAL A 235 -29.53 11.33 -6.49
CA VAL A 235 -29.48 9.89 -6.72
C VAL A 235 -30.86 9.24 -6.47
N THR A 236 -31.58 9.75 -5.47
CA THR A 236 -32.99 9.38 -5.23
C THR A 236 -33.86 10.61 -5.12
N ASP A 237 -35.18 10.39 -5.11
CA ASP A 237 -36.17 11.47 -4.95
C ASP A 237 -36.38 11.86 -3.49
N ASN A 238 -35.71 11.20 -2.56
CA ASN A 238 -35.84 11.46 -1.13
C ASN A 238 -37.19 11.15 -0.49
N VAL A 239 -38.11 10.53 -1.25
CA VAL A 239 -39.44 10.18 -0.76
C VAL A 239 -39.36 8.70 -0.32
N PRO A 240 -39.60 8.43 0.97
CA PRO A 240 -39.55 7.00 1.42
C PRO A 240 -40.68 6.15 0.83
N GLY A 241 -40.38 4.91 0.49
CA GLY A 241 -41.42 3.90 0.16
C GLY A 241 -41.66 3.56 -1.31
N ASN A 242 -40.88 4.12 -2.23
CA ASN A 242 -41.14 3.88 -3.65
C ASN A 242 -39.92 3.23 -4.35
N THR A 243 -39.92 3.22 -5.67
CA THR A 243 -39.07 2.32 -6.42
C THR A 243 -37.58 2.67 -6.39
N ASP A 244 -37.20 3.94 -6.22
CA ASP A 244 -35.76 4.30 -6.22
C ASP A 244 -35.02 4.13 -4.87
N ASP A 245 -35.73 3.83 -3.77
CA ASP A 245 -35.10 3.72 -2.44
C ASP A 245 -34.00 2.66 -2.43
N ARG A 246 -32.94 2.91 -1.68
CA ARG A 246 -31.97 1.86 -1.33
C ARG A 246 -32.58 0.86 -0.36
N ALA A 247 -31.94 -0.31 -0.30
CA ALA A 247 -32.39 -1.39 0.56
C ALA A 247 -31.19 -1.91 1.29
N LEU A 248 -31.42 -2.52 2.44
CA LEU A 248 -30.34 -3.19 3.13
C LEU A 248 -29.82 -4.37 2.29
N GLU A 249 -28.51 -4.58 2.34
CA GLU A 249 -27.91 -5.85 1.90
C GLU A 249 -28.45 -6.99 2.78
N ALA A 250 -28.75 -8.14 2.18
CA ALA A 250 -29.35 -9.23 2.93
C ALA A 250 -28.48 -9.70 4.13
N VAL A 251 -27.19 -9.97 3.90
CA VAL A 251 -26.32 -10.45 4.97
C VAL A 251 -26.09 -9.36 6.02
N GLU A 252 -25.93 -9.79 7.27
CA GLU A 252 -25.70 -8.89 8.42
C GLU A 252 -24.19 -8.68 8.61
N ALA A 253 -23.83 -7.87 9.59
CA ALA A 253 -22.42 -7.69 9.97
C ALA A 253 -22.27 -7.73 11.49
N VAL A 254 -22.10 -8.93 12.04
CA VAL A 254 -22.00 -9.07 13.49
C VAL A 254 -20.77 -8.33 14.05
N GLY A 255 -19.67 -8.28 13.27
CA GLY A 255 -18.51 -7.45 13.60
C GLY A 255 -18.93 -5.99 13.70
N GLY A 256 -19.79 -5.54 12.76
CA GLY A 256 -20.39 -4.20 12.83
C GLY A 256 -21.23 -3.98 14.07
N SER A 257 -21.98 -5.00 14.49
CA SER A 257 -22.77 -4.88 15.71
C SER A 257 -21.86 -4.62 16.93
N GLY A 258 -20.76 -5.36 17.04
CA GLY A 258 -19.82 -5.16 18.17
C GLY A 258 -19.12 -3.82 18.09
N LYS A 259 -18.72 -3.44 16.89
CA LYS A 259 -18.12 -2.14 16.67
C LYS A 259 -19.08 -1.00 17.06
N SER A 260 -20.37 -1.14 16.69
CA SER A 260 -21.37 -0.14 16.98
C SER A 260 -21.52 0.07 18.48
N SER A 261 -21.45 -1.02 19.24
CA SER A 261 -21.60 -0.98 20.69
C SER A 261 -20.54 -0.04 21.29
N GLY A 262 -19.29 -0.33 20.92
CA GLY A 262 -18.14 0.41 21.45
C GLY A 262 -18.21 1.85 21.05
N SER A 263 -18.62 2.11 19.80
CA SER A 263 -18.81 3.48 19.31
C SER A 263 -19.79 4.28 20.20
N LEU A 264 -20.94 3.68 20.44
CA LEU A 264 -22.00 4.33 21.22
C LEU A 264 -21.59 4.61 22.66
N ALA A 265 -20.97 3.63 23.31
CA ALA A 265 -20.48 3.79 24.70
C ALA A 265 -19.39 4.86 24.78
N ALA A 266 -18.47 4.85 23.82
CA ALA A 266 -17.42 5.89 23.77
C ALA A 266 -18.04 7.30 23.62
N THR A 267 -19.05 7.44 22.76
CA THR A 267 -19.73 8.72 22.56
C THR A 267 -20.46 9.18 23.84
N ALA A 268 -21.11 8.25 24.55
CA ALA A 268 -21.71 8.58 25.85
C ALA A 268 -20.66 9.05 26.89
N ARG A 269 -19.49 8.40 26.92
CA ARG A 269 -18.39 8.86 27.81
C ARG A 269 -17.90 10.24 27.42
N ALA A 270 -17.74 10.46 26.12
CA ALA A 270 -17.30 11.76 25.61
C ALA A 270 -18.27 12.87 26.03
N ILE A 271 -19.57 12.64 25.89
CA ILE A 271 -20.58 13.62 26.33
C ILE A 271 -20.47 13.93 27.83
N ARG A 272 -20.43 12.88 28.65
CA ARG A 272 -20.38 13.06 30.11
C ARG A 272 -19.08 13.71 30.60
N THR A 273 -17.97 13.38 29.96
CA THR A 273 -16.67 13.98 30.27
C THR A 273 -16.61 15.49 29.96
N ALA A 274 -17.15 15.86 28.80
CA ALA A 274 -17.28 17.28 28.39
C ALA A 274 -18.12 18.10 29.37
N ILE A 275 -19.23 17.52 29.84
CA ILE A 275 -20.12 18.20 30.82
C ILE A 275 -19.41 18.36 32.18
N ALA A 276 -18.86 17.26 32.70
CA ALA A 276 -18.10 17.27 33.96
C ALA A 276 -16.89 18.23 33.89
N GLY A 277 -16.26 18.28 32.72
CA GLY A 277 -15.19 19.22 32.44
C GLY A 277 -15.56 20.69 32.25
N GLY A 278 -16.87 21.01 32.25
CA GLY A 278 -17.36 22.41 32.14
C GLY A 278 -17.23 22.93 30.71
N LYS A 279 -17.24 22.02 29.72
CA LYS A 279 -16.95 22.37 28.33
C LYS A 279 -18.21 22.50 27.50
N VAL A 280 -19.40 22.24 28.06
CA VAL A 280 -20.64 22.44 27.30
C VAL A 280 -21.50 23.51 27.94
N ALA A 281 -22.09 24.36 27.10
CA ALA A 281 -22.90 25.47 27.55
C ALA A 281 -24.11 24.90 28.27
N ALA A 282 -24.53 25.63 29.31
CA ALA A 282 -25.57 25.18 30.20
C ALA A 282 -26.85 24.73 29.43
N ASN A 283 -27.18 25.50 28.39
CA ASN A 283 -28.44 25.32 27.69
C ASN A 283 -28.46 24.08 26.77
N LYS A 284 -27.31 23.43 26.63
CA LYS A 284 -27.23 22.15 25.97
C LYS A 284 -27.04 21.00 26.91
N VAL A 285 -26.86 21.27 28.21
CA VAL A 285 -26.44 20.21 29.14
C VAL A 285 -27.51 19.13 29.23
N ALA A 286 -28.77 19.54 29.35
CA ALA A 286 -29.85 18.62 29.68
C ALA A 286 -30.08 17.66 28.51
N GLN A 287 -30.11 18.21 27.30
CA GLN A 287 -30.37 17.43 26.11
C GLN A 287 -29.21 16.48 25.76
N LEU A 288 -27.97 16.87 26.09
CA LEU A 288 -26.83 15.95 25.95
C LEU A 288 -26.83 14.85 26.99
N GLN A 289 -27.31 15.13 28.20
CA GLN A 289 -27.44 14.08 29.21
C GLN A 289 -28.42 12.99 28.75
N THR A 290 -29.53 13.40 28.14
CA THR A 290 -30.49 12.45 27.57
C THR A 290 -29.89 11.62 26.45
N LEU A 291 -29.23 12.30 25.51
CA LEU A 291 -28.53 11.62 24.44
C LEU A 291 -27.56 10.55 24.94
N ALA A 292 -26.79 10.89 25.97
CA ALA A 292 -25.80 9.98 26.52
C ALA A 292 -26.47 8.75 27.11
N ASN A 293 -27.59 8.95 27.82
CA ASN A 293 -28.38 7.83 28.34
C ASN A 293 -28.89 6.95 27.21
N GLU A 294 -29.38 7.57 26.15
CA GLU A 294 -29.88 6.84 24.99
C GLU A 294 -28.75 6.08 24.25
N PHE A 295 -27.56 6.68 24.17
CA PHE A 295 -26.42 6.01 23.56
C PHE A 295 -25.92 4.78 24.37
N GLN A 296 -25.95 4.87 25.71
CA GLN A 296 -25.60 3.75 26.58
C GLN A 296 -26.62 2.58 26.39
N ALA A 297 -27.91 2.88 26.40
CA ALA A 297 -28.95 1.85 26.18
C ALA A 297 -28.75 1.12 24.81
N ALA A 298 -28.55 1.89 23.74
CA ALA A 298 -28.31 1.31 22.41
C ALA A 298 -27.03 0.48 22.37
N ALA A 299 -25.99 0.95 23.05
CA ALA A 299 -24.72 0.25 23.12
C ALA A 299 -24.92 -1.15 23.69
N ILE A 300 -25.73 -1.22 24.75
CA ILE A 300 -26.02 -2.47 25.46
C ILE A 300 -26.84 -3.43 24.56
N ILE A 301 -27.80 -2.91 23.80
CA ILE A 301 -28.52 -3.70 22.77
C ILE A 301 -27.54 -4.34 21.78
N PHE A 302 -26.62 -3.53 21.24
CA PHE A 302 -25.64 -4.02 20.29
C PHE A 302 -24.74 -5.07 20.90
N TYR A 303 -24.28 -4.81 22.13
CA TYR A 303 -23.38 -5.70 22.82
C TYR A 303 -24.04 -7.07 23.07
N ASN A 304 -25.23 -7.04 23.67
CA ASN A 304 -25.99 -8.28 23.95
C ASN A 304 -26.28 -9.13 22.67
N TYR A 305 -26.64 -8.46 21.58
CA TYR A 305 -26.80 -9.11 20.30
C TYR A 305 -25.47 -9.78 19.84
N THR A 306 -24.37 -9.03 19.86
CA THR A 306 -23.07 -9.55 19.40
C THR A 306 -22.68 -10.82 20.18
N LEU A 307 -22.81 -10.76 21.52
CA LEU A 307 -22.50 -11.89 22.42
C LEU A 307 -23.28 -13.15 22.13
N THR A 308 -24.52 -12.98 21.67
CA THR A 308 -25.41 -14.11 21.45
C THR A 308 -25.57 -14.50 19.98
N HIS A 309 -24.82 -13.87 19.07
CA HIS A 309 -24.91 -14.15 17.62
C HIS A 309 -23.48 -14.35 17.06
N GLN A 310 -22.62 -14.98 17.84
CA GLN A 310 -21.21 -15.07 17.49
C GLN A 310 -20.89 -15.89 16.24
N SER A 311 -21.78 -16.80 15.82
CA SER A 311 -21.63 -17.52 14.54
C SER A 311 -22.26 -16.87 13.34
N GLY A 312 -22.86 -15.68 13.50
CA GLY A 312 -23.51 -15.02 12.37
C GLY A 312 -22.46 -14.47 11.41
N ASN A 313 -22.92 -13.95 10.29
CA ASN A 313 -22.04 -13.39 9.27
C ASN A 313 -21.27 -12.20 9.80
N HIS A 314 -19.93 -12.28 9.72
CA HIS A 314 -19.10 -11.25 10.33
C HIS A 314 -19.28 -9.90 9.64
N GLY A 315 -19.37 -9.92 8.31
CA GLY A 315 -19.52 -8.72 7.52
C GLY A 315 -18.21 -8.27 6.89
N SER A 316 -18.34 -7.46 5.84
CA SER A 316 -17.21 -6.77 5.19
C SER A 316 -16.58 -5.77 6.15
N TYR A 317 -15.40 -5.30 5.77
CA TYR A 317 -14.60 -4.41 6.62
C TYR A 317 -14.34 -5.08 8.02
N GLY A 318 -13.95 -6.36 7.97
CA GLY A 318 -13.97 -7.26 9.12
C GLY A 318 -12.60 -7.49 9.78
N THR A 319 -12.65 -8.12 10.94
CA THR A 319 -11.47 -8.41 11.76
C THR A 319 -11.15 -9.92 11.80
N MET A 320 -11.52 -10.65 10.74
CA MET A 320 -11.31 -12.12 10.74
C MET A 320 -9.81 -12.54 10.74
N ASN A 321 -8.92 -11.67 10.31
CA ASN A 321 -7.50 -12.00 10.36
C ASN A 321 -6.87 -11.64 11.71
N ASN A 322 -7.60 -11.00 12.61
CA ASN A 322 -7.04 -10.52 13.87
C ASN A 322 -7.85 -10.89 15.11
N GLY A 323 -8.44 -12.08 15.08
CA GLY A 323 -9.16 -12.63 16.22
C GLY A 323 -10.61 -12.99 16.05
N GLY A 324 -11.20 -12.66 14.91
CA GLY A 324 -12.60 -12.94 14.67
C GLY A 324 -13.50 -12.02 15.49
N ILE A 325 -14.65 -12.54 15.90
CA ILE A 325 -15.63 -11.71 16.62
C ILE A 325 -15.20 -11.29 18.03
N ALA A 326 -14.30 -12.05 18.66
CA ALA A 326 -13.65 -11.63 19.92
C ALA A 326 -13.00 -10.22 19.91
N ASN A 327 -12.61 -9.76 18.73
CA ASN A 327 -11.90 -8.50 18.51
C ASN A 327 -12.88 -7.29 18.70
N PRO A 328 -14.00 -7.22 17.93
CA PRO A 328 -15.04 -6.23 18.25
C PRO A 328 -15.67 -6.32 19.65
N LEU A 329 -15.83 -7.54 20.17
CA LEU A 329 -16.31 -7.73 21.53
C LEU A 329 -15.38 -7.10 22.58
N LEU A 330 -14.07 -7.28 22.44
CA LEU A 330 -13.14 -6.65 23.40
C LEU A 330 -13.29 -5.13 23.32
N TRP A 331 -13.37 -4.62 22.09
CA TRP A 331 -13.59 -3.17 21.85
C TRP A 331 -14.82 -2.64 22.58
N ALA A 332 -15.93 -3.36 22.46
CA ALA A 332 -17.19 -3.02 23.15
C ALA A 332 -17.06 -3.09 24.68
N GLU A 333 -16.47 -4.17 25.18
CA GLU A 333 -16.30 -4.38 26.61
C GLU A 333 -15.42 -3.33 27.32
N VAL A 334 -14.36 -2.91 26.67
CA VAL A 334 -13.51 -1.83 27.16
C VAL A 334 -14.28 -0.52 27.32
N GLN A 335 -15.00 -0.10 26.28
CA GLN A 335 -15.76 1.16 26.35
C GLN A 335 -16.92 1.09 27.32
N LEU A 336 -17.64 -0.03 27.34
CA LEU A 336 -18.69 -0.25 28.37
C LEU A 336 -18.17 -0.32 29.81
N TYR A 337 -17.00 -0.89 30.04
CA TYR A 337 -16.42 -0.88 31.38
C TYR A 337 -16.06 0.55 31.80
N LEU A 338 -15.41 1.28 30.90
CA LEU A 338 -15.06 2.69 31.16
C LEU A 338 -16.29 3.59 31.34
N LEU A 339 -17.41 3.26 30.69
CA LEU A 339 -18.64 4.06 30.76
C LEU A 339 -19.39 3.87 32.07
N THR A 340 -19.44 2.62 32.51
CA THR A 340 -20.42 2.15 33.46
C THR A 340 -19.86 1.50 34.75
N GLY A 341 -18.66 0.93 34.71
CA GLY A 341 -18.10 0.27 35.88
C GLY A 341 -18.59 -1.12 36.23
N ASP A 342 -19.46 -1.75 35.42
CA ASP A 342 -19.97 -3.11 35.74
C ASP A 342 -18.81 -4.06 35.62
N ALA A 343 -18.56 -4.80 36.70
CA ALA A 343 -17.45 -5.76 36.78
C ALA A 343 -17.47 -6.82 35.68
N ALA A 344 -18.65 -7.24 35.23
CA ALA A 344 -18.75 -8.25 34.17
C ALA A 344 -17.94 -7.86 32.91
N TYR A 345 -17.98 -6.57 32.51
CA TYR A 345 -17.24 -6.10 31.33
C TYR A 345 -15.73 -6.21 31.52
N LYS A 346 -15.24 -5.87 32.72
CA LYS A 346 -13.82 -6.00 33.04
C LYS A 346 -13.37 -7.47 32.97
N THR A 347 -14.17 -8.34 33.56
CA THR A 347 -13.89 -9.79 33.62
C THR A 347 -13.80 -10.38 32.20
N GLN A 348 -14.79 -10.12 31.34
CA GLN A 348 -14.75 -10.58 29.94
C GLN A 348 -13.53 -9.99 29.21
N ALA A 349 -13.29 -8.69 29.36
CA ALA A 349 -12.18 -8.02 28.68
C ALA A 349 -10.84 -8.67 29.03
N GLN A 350 -10.61 -8.92 30.32
CA GLN A 350 -9.33 -9.47 30.76
C GLN A 350 -9.11 -10.92 30.28
N THR A 351 -10.16 -11.74 30.21
CA THR A 351 -10.07 -13.06 29.57
C THR A 351 -9.59 -12.94 28.10
N ARG A 352 -10.17 -12.03 27.33
CA ARG A 352 -9.82 -11.87 25.92
C ARG A 352 -8.37 -11.37 25.75
N ILE A 353 -7.96 -10.43 26.62
CA ILE A 353 -6.61 -9.87 26.59
C ILE A 353 -5.54 -10.95 26.86
N ASN A 354 -5.83 -11.87 27.81
CA ASN A 354 -4.92 -12.98 28.09
C ASN A 354 -4.65 -13.93 26.93
N ALA A 355 -5.56 -13.97 25.95
CA ALA A 355 -5.40 -14.78 24.73
C ALA A 355 -4.60 -14.11 23.61
N ILE A 356 -4.34 -12.80 23.69
CA ILE A 356 -3.63 -12.06 22.65
C ILE A 356 -2.15 -12.35 22.72
N ASN A 357 -1.56 -12.60 21.55
CA ASN A 357 -0.12 -12.85 21.41
C ASN A 357 0.63 -11.55 21.69
N GLU A 358 1.62 -11.60 22.58
CA GLU A 358 2.44 -10.43 22.93
C GLU A 358 3.37 -10.00 21.79
N ALA A 359 3.73 -10.92 20.89
CA ALA A 359 4.42 -10.54 19.65
C ALA A 359 3.37 -10.03 18.67
N TYR A 360 2.88 -8.81 18.90
CA TYR A 360 1.73 -8.25 18.20
C TYR A 360 2.19 -7.26 17.14
N VAL A 361 1.66 -7.40 15.92
CA VAL A 361 2.12 -6.58 14.79
C VAL A 361 1.04 -5.86 13.97
N SER A 362 -0.24 -6.08 14.24
CA SER A 362 -1.33 -5.43 13.51
C SER A 362 -1.64 -4.01 14.04
N SER A 363 -2.18 -3.14 13.17
CA SER A 363 -2.57 -1.74 13.52
C SER A 363 -4.08 -1.60 13.73
N THR A 364 -4.46 -0.51 14.41
CA THR A 364 -5.85 -0.17 14.56
C THR A 364 -6.45 0.40 13.26
N ASN A 365 -7.43 -0.32 12.72
CA ASN A 365 -8.30 0.16 11.63
C ASN A 365 -9.48 -0.85 11.53
N TYR A 366 -10.25 -0.87 10.44
CA TYR A 366 -11.43 -1.77 10.34
C TYR A 366 -11.05 -3.25 10.56
N TRP A 367 -9.80 -3.59 10.19
CA TRP A 367 -9.33 -4.95 10.34
C TRP A 367 -8.98 -5.33 11.81
N ASP A 368 -8.93 -4.38 12.73
CA ASP A 368 -8.41 -4.68 14.10
C ASP A 368 -8.69 -3.54 15.08
N MET A 369 -9.51 -3.81 16.08
CA MET A 369 -9.77 -2.86 17.17
C MET A 369 -8.79 -2.97 18.35
N HIS A 370 -7.89 -3.97 18.34
CA HIS A 370 -7.16 -4.35 19.56
C HIS A 370 -6.23 -3.26 20.15
N PRO A 371 -5.31 -2.68 19.34
CA PRO A 371 -4.34 -1.78 19.99
C PRO A 371 -4.99 -0.55 20.65
N ILE A 372 -5.95 0.08 19.98
CA ILE A 372 -6.70 1.18 20.57
C ILE A 372 -7.48 0.75 21.82
N ALA A 373 -8.11 -0.44 21.77
CA ALA A 373 -8.87 -0.97 22.91
C ALA A 373 -7.95 -1.24 24.11
N LEU A 374 -6.79 -1.81 23.84
CA LEU A 374 -5.84 -2.10 24.90
C LEU A 374 -5.33 -0.82 25.56
N ALA A 375 -5.02 0.19 24.74
CA ALA A 375 -4.55 1.49 25.24
C ALA A 375 -5.63 2.14 26.13
N GLU A 376 -6.88 2.00 25.72
CA GLU A 376 -8.02 2.56 26.45
C GLU A 376 -8.21 1.88 27.79
N PHE A 377 -8.03 0.54 27.77
CA PHE A 377 -8.17 -0.28 28.95
C PHE A 377 -7.04 -0.15 29.99
N TYR A 378 -5.82 0.18 29.56
CA TYR A 378 -4.64 0.07 30.41
C TYR A 378 -4.83 0.61 31.84
N PRO A 379 -5.33 1.86 32.00
CA PRO A 379 -5.32 2.40 33.35
C PRO A 379 -6.31 1.76 34.33
N VAL A 380 -7.31 1.00 33.86
CA VAL A 380 -8.22 0.29 34.77
C VAL A 380 -7.96 -1.23 34.87
N ALA A 381 -6.83 -1.69 34.35
CA ALA A 381 -6.53 -3.12 34.33
C ALA A 381 -5.86 -3.52 35.62
N ASP A 382 -5.99 -4.79 35.95
CA ASP A 382 -5.23 -5.39 37.05
C ASP A 382 -3.75 -5.47 36.67
N SER A 383 -2.87 -5.48 37.66
CA SER A 383 -1.43 -5.32 37.40
C SER A 383 -0.83 -6.29 36.35
N ALA A 384 -1.20 -7.58 36.42
CA ALA A 384 -0.71 -8.57 35.46
C ALA A 384 -1.17 -8.25 34.04
N ILE A 385 -2.38 -7.70 33.90
CA ILE A 385 -2.90 -7.31 32.62
C ILE A 385 -2.23 -6.03 32.11
N LYS A 386 -1.98 -5.07 32.99
CA LYS A 386 -1.18 -3.89 32.60
C LYS A 386 0.13 -4.33 31.97
N THR A 387 0.82 -5.25 32.64
CA THR A 387 2.12 -5.76 32.18
C THR A 387 2.02 -6.38 30.79
N LYS A 388 0.96 -7.18 30.59
CA LYS A 388 0.69 -7.78 29.27
C LYS A 388 0.41 -6.71 28.20
N ILE A 389 -0.43 -5.72 28.52
CA ILE A 389 -0.73 -4.64 27.57
C ILE A 389 0.54 -3.88 27.16
N GLN A 390 1.35 -3.49 28.14
CA GLN A 390 2.61 -2.78 27.82
C GLN A 390 3.47 -3.61 26.86
N SER A 391 3.60 -4.90 27.16
CA SER A 391 4.32 -5.83 26.30
C SER A 391 3.80 -5.88 24.85
N ILE A 392 2.46 -5.99 24.71
CA ILE A 392 1.80 -6.01 23.41
C ILE A 392 2.07 -4.72 22.65
N LEU A 393 1.79 -3.58 23.28
CA LEU A 393 1.86 -2.29 22.59
C LEU A 393 3.29 -1.86 22.27
N LYS A 394 4.24 -2.20 23.15
CA LYS A 394 5.65 -1.95 22.92
C LYS A 394 6.17 -2.75 21.72
N HIS A 395 5.85 -4.04 21.65
CA HIS A 395 6.23 -4.87 20.50
C HIS A 395 5.68 -4.30 19.17
N GLN A 396 4.40 -3.93 19.15
CA GLN A 396 3.79 -3.33 17.97
C GLN A 396 4.45 -2.00 17.56
N ALA A 397 4.68 -1.14 18.53
CA ALA A 397 5.34 0.17 18.30
C ALA A 397 6.71 -0.01 17.65
N TYR A 398 7.48 -0.98 18.15
CA TYR A 398 8.82 -1.20 17.63
C TYR A 398 8.84 -2.01 16.32
N TYR A 399 7.78 -2.79 16.06
CA TYR A 399 7.53 -3.35 14.72
C TYR A 399 7.42 -2.24 13.68
N PHE A 400 6.56 -1.26 13.95
CA PHE A 400 6.41 -0.07 13.09
C PHE A 400 7.72 0.72 12.96
N ILE A 401 8.36 1.00 14.11
CA ILE A 401 9.60 1.78 14.11
C ILE A 401 10.66 1.08 13.25
N THR A 402 10.75 -0.25 13.33
CA THR A 402 11.78 -0.97 12.60
C THR A 402 11.42 -1.26 11.16
N LEU A 403 10.14 -1.24 10.80
CA LEU A 403 9.77 -1.19 9.39
C LEU A 403 9.96 0.20 8.75
N MET A 404 10.05 1.25 9.59
CA MET A 404 10.36 2.58 9.10
C MET A 404 11.84 2.81 8.92
N ASP A 405 12.70 2.02 9.58
CA ASP A 405 14.15 2.30 9.57
C ASP A 405 14.84 1.93 8.25
N GLU A 406 14.07 1.42 7.28
CA GLU A 406 14.61 0.94 5.99
C GLU A 406 14.38 1.87 4.78
N THR A 407 13.79 3.05 4.98
CA THR A 407 13.91 4.16 4.02
C THR A 407 14.17 5.41 4.85
N PRO A 408 14.72 6.47 4.23
CA PRO A 408 14.90 7.77 4.93
C PRO A 408 13.63 8.64 5.01
N TYR A 409 12.54 8.20 4.41
CA TYR A 409 11.35 9.03 4.29
C TYR A 409 10.31 8.83 5.41
N GLY A 410 10.57 7.89 6.33
CA GLY A 410 9.74 7.72 7.51
C GLY A 410 8.42 7.02 7.27
N VAL A 411 8.34 6.14 6.23
CA VAL A 411 7.12 5.37 5.92
C VAL A 411 7.23 3.93 6.37
N LEU A 412 6.12 3.38 6.83
CA LEU A 412 5.96 1.92 6.95
C LEU A 412 6.38 1.28 5.61
N ASN A 413 7.43 0.47 5.59
CA ASN A 413 7.89 -0.12 4.31
C ASN A 413 7.03 -1.35 3.93
N GLN A 414 5.82 -1.10 3.43
CA GLN A 414 4.85 -2.14 3.10
C GLN A 414 3.97 -1.62 1.99
N PHE A 415 4.11 -2.21 0.79
CA PHE A 415 3.48 -1.71 -0.46
C PHE A 415 2.70 -2.85 -1.11
N GLY A 416 1.52 -2.55 -1.61
CA GLY A 416 0.64 -3.54 -2.22
C GLY A 416 -0.33 -2.89 -3.20
N ASN A 417 -1.50 -3.50 -3.36
CA ASN A 417 -2.52 -3.08 -4.35
C ASN A 417 -3.49 -2.02 -3.82
N PHE A 418 -3.16 -1.43 -2.67
CA PHE A 418 -3.91 -0.30 -2.10
C PHE A 418 -2.91 0.61 -1.41
N GLY A 419 -3.22 1.88 -1.26
CA GLY A 419 -2.19 2.82 -0.87
C GLY A 419 -1.64 2.64 0.53
N VAL A 420 -0.34 2.87 0.66
CA VAL A 420 0.38 2.69 1.95
C VAL A 420 -0.09 3.56 3.11
N ASN A 421 -0.68 4.72 2.81
CA ASN A 421 -1.05 5.66 3.88
C ASN A 421 -2.14 5.12 4.82
N GLU A 422 -3.00 4.22 4.33
CA GLU A 422 -4.00 3.58 5.16
C GLU A 422 -3.37 2.85 6.39
N PRO A 423 -2.53 1.83 6.15
CA PRO A 423 -1.96 1.22 7.37
C PRO A 423 -0.91 2.13 8.05
N HIS A 424 -0.17 2.93 7.27
CA HIS A 424 0.89 3.78 7.85
C HIS A 424 0.34 4.77 8.90
N ALA A 425 -0.72 5.48 8.52
CA ALA A 425 -1.36 6.44 9.42
C ALA A 425 -1.99 5.73 10.62
N SER A 426 -2.44 4.49 10.43
CA SER A 426 -3.01 3.71 11.53
C SER A 426 -1.95 3.37 12.60
N TYR A 427 -0.81 2.86 12.16
CA TYR A 427 0.35 2.59 13.03
C TYR A 427 0.83 3.86 13.73
N MET A 428 0.81 4.98 12.98
CA MET A 428 1.18 6.29 13.49
C MET A 428 0.37 6.69 14.75
N ALA A 429 -0.95 6.56 14.68
CA ALA A 429 -1.79 6.89 15.84
C ALA A 429 -1.58 5.92 17.02
N ASP A 430 -1.37 4.63 16.73
CA ASP A 430 -1.05 3.66 17.78
C ASP A 430 0.25 4.04 18.47
N LEU A 431 1.24 4.43 17.67
CA LEU A 431 2.49 4.89 18.19
C LEU A 431 2.32 6.08 19.14
N LEU A 432 1.52 7.06 18.74
CA LEU A 432 1.26 8.20 19.63
C LEU A 432 0.61 7.77 20.96
N ARG A 433 -0.37 6.86 20.90
CA ARG A 433 -1.00 6.32 22.13
C ARG A 433 0.00 5.59 23.00
N TYR A 434 0.91 4.86 22.37
CA TYR A 434 1.97 4.18 23.11
C TYR A 434 2.82 5.21 23.87
N TYR A 435 3.20 6.31 23.19
CA TYR A 435 3.91 7.40 23.85
C TYR A 435 3.07 7.98 25.02
N GLU A 436 1.77 8.17 24.82
CA GLU A 436 0.90 8.79 25.83
C GLU A 436 0.93 7.99 27.14
N LEU A 437 0.94 6.65 27.03
CA LEU A 437 0.90 5.78 28.18
C LEU A 437 2.25 5.57 28.81
N PHE A 438 3.30 5.50 28.02
CA PHE A 438 4.57 5.04 28.55
C PHE A 438 5.74 6.02 28.45
N ASN A 439 5.49 7.20 27.86
CA ASN A 439 6.44 8.31 27.80
C ASN A 439 7.76 7.91 27.12
N ASP A 440 7.66 7.27 25.98
CA ASP A 440 8.85 6.76 25.29
C ASP A 440 9.23 7.80 24.19
N PRO A 441 10.36 8.51 24.36
CA PRO A 441 10.69 9.60 23.43
C PRO A 441 11.00 9.16 21.97
N VAL A 442 11.55 7.96 21.81
CA VAL A 442 11.78 7.39 20.45
C VAL A 442 10.47 7.23 19.71
N ALA A 443 9.43 6.83 20.42
CA ALA A 443 8.08 6.70 19.82
C ALA A 443 7.45 8.03 19.43
N LEU A 444 7.60 9.06 20.25
CA LEU A 444 7.08 10.37 19.92
C LEU A 444 7.75 10.92 18.67
N ARG A 445 9.09 10.86 18.63
CA ARG A 445 9.86 11.23 17.44
C ARG A 445 9.46 10.51 16.15
N ALA A 446 9.26 9.19 16.24
CA ALA A 446 8.88 8.40 15.08
C ALA A 446 7.47 8.69 14.65
N ALA A 447 6.57 9.00 15.59
CA ALA A 447 5.20 9.36 15.19
C ALA A 447 5.18 10.64 14.32
N LYS A 448 6.01 11.60 14.68
CA LYS A 448 6.15 12.86 13.93
C LYS A 448 6.80 12.63 12.55
N LYS A 449 7.84 11.79 12.48
CA LYS A 449 8.44 11.38 11.19
C LYS A 449 7.37 10.80 10.29
N ALA A 450 6.55 9.92 10.87
CA ALA A 450 5.47 9.28 10.14
C ALA A 450 4.47 10.30 9.60
N LEU A 451 4.12 11.30 10.41
CA LEU A 451 3.25 12.39 9.93
C LEU A 451 3.85 13.21 8.76
N TYR A 452 5.13 13.54 8.84
CA TYR A 452 5.78 14.36 7.82
C TYR A 452 5.77 13.69 6.43
N TRP A 453 5.89 12.35 6.41
CA TRP A 453 5.71 11.56 5.19
C TRP A 453 4.38 11.90 4.47
N ILE A 454 3.31 11.88 5.24
CA ILE A 454 1.94 12.03 4.70
C ILE A 454 1.71 13.40 4.00
N VAL A 455 2.37 14.42 4.54
CA VAL A 455 2.21 15.84 4.13
C VAL A 455 3.42 16.38 3.37
N GLY A 456 4.26 15.49 2.82
CA GLY A 456 5.25 15.89 1.84
C GLY A 456 6.66 15.34 1.92
N ASN A 457 7.04 14.69 3.01
CA ASN A 457 8.44 14.18 3.13
C ASN A 457 8.58 12.83 2.43
N ASN A 458 8.54 12.89 1.10
CA ASN A 458 8.49 11.74 0.23
C ASN A 458 9.02 12.18 -1.14
N PRO A 459 9.51 11.22 -1.97
CA PRO A 459 10.09 11.59 -3.26
C PRO A 459 9.10 11.97 -4.37
N TRP A 460 7.80 11.92 -4.11
CA TRP A 460 6.80 12.54 -5.01
C TRP A 460 6.63 14.04 -4.71
N ASN A 461 7.20 14.52 -3.61
CA ASN A 461 7.19 15.95 -3.25
C ASN A 461 5.75 16.45 -3.22
N ILE A 462 4.87 15.63 -2.60
CA ILE A 462 3.43 15.86 -2.60
C ILE A 462 2.82 15.56 -1.23
N SER A 463 1.83 16.36 -0.85
CA SER A 463 1.01 16.08 0.32
C SER A 463 -0.17 15.25 -0.14
N TRP A 464 -0.44 14.16 0.55
CA TRP A 464 -1.61 13.32 0.25
C TRP A 464 -2.86 13.77 1.03
N VAL A 465 -2.79 14.99 1.61
CA VAL A 465 -3.87 15.56 2.35
C VAL A 465 -4.48 16.75 1.60
N SER A 466 -5.72 16.61 1.14
CA SER A 466 -6.40 17.61 0.32
C SER A 466 -6.45 18.99 1.01
N GLY A 467 -6.00 20.01 0.27
CA GLY A 467 -5.98 21.42 0.70
C GLY A 467 -4.78 21.78 1.56
N VAL A 468 -3.96 20.79 1.98
CA VAL A 468 -2.86 21.01 2.93
C VAL A 468 -1.51 20.93 2.21
N GLY A 469 -0.77 22.03 2.24
CA GLY A 469 0.54 22.15 1.61
C GLY A 469 0.50 22.97 0.34
N SER A 470 1.58 22.96 -0.42
CA SER A 470 1.70 23.72 -1.69
C SER A 470 1.32 22.91 -2.91
N ASN A 471 1.66 21.60 -2.86
CA ASN A 471 1.31 20.67 -3.88
C ASN A 471 0.74 19.42 -3.18
N PHE A 472 -0.56 19.24 -3.34
CA PHE A 472 -1.28 18.13 -2.75
C PHE A 472 -2.11 17.42 -3.79
N THR A 473 -2.64 16.25 -3.43
CA THR A 473 -3.51 15.51 -4.34
C THR A 473 -4.78 16.30 -4.68
N ASP A 474 -4.99 16.51 -5.98
CA ASP A 474 -6.11 17.32 -6.52
C ASP A 474 -7.29 16.45 -6.95
N PHE A 475 -7.02 15.30 -7.59
CA PHE A 475 -8.08 14.52 -8.22
C PHE A 475 -8.61 13.41 -7.30
N LEU A 476 -9.31 13.82 -6.24
CA LEU A 476 -9.97 12.90 -5.33
C LEU A 476 -11.02 12.02 -6.03
N HIS A 477 -11.01 10.74 -5.70
CA HIS A 477 -11.96 9.79 -6.25
C HIS A 477 -13.27 9.94 -5.46
N THR A 478 -14.17 10.76 -6.00
CA THR A 478 -15.44 11.01 -5.31
C THR A 478 -16.55 11.49 -6.24
N ARG A 479 -17.72 10.94 -5.99
CA ARG A 479 -18.96 11.32 -6.69
C ARG A 479 -19.43 12.72 -6.32
N LEU A 480 -18.85 13.27 -5.25
CA LEU A 480 -19.07 14.67 -4.91
C LEU A 480 -18.44 15.62 -5.92
N ASP A 481 -17.55 15.14 -6.77
CA ASP A 481 -17.01 15.91 -7.90
C ASP A 481 -17.75 15.52 -9.18
N GLU A 482 -18.78 16.31 -9.48
CA GLU A 482 -19.55 16.16 -10.70
C GLU A 482 -18.77 16.46 -12.00
N GLU A 483 -17.61 17.14 -11.88
N GLU A 483 -17.61 17.12 -11.92
CA GLU A 483 -16.71 17.38 -13.00
CA GLU A 483 -16.75 17.31 -13.08
C GLU A 483 -15.65 16.28 -13.20
C GLU A 483 -15.65 16.26 -13.21
N ALA A 484 -15.71 15.17 -12.44
CA ALA A 484 -14.65 14.17 -12.46
C ALA A 484 -14.24 13.67 -13.86
N TYR A 485 -15.22 13.43 -14.73
CA TYR A 485 -14.94 12.99 -16.10
C TYR A 485 -14.63 14.08 -17.11
N SER A 486 -14.79 15.35 -16.73
CA SER A 486 -14.42 16.45 -17.61
C SER A 486 -12.87 16.59 -17.67
N GLN A 487 -12.33 16.55 -18.90
CA GLN A 487 -10.89 16.76 -19.11
C GLN A 487 -10.39 18.19 -18.80
N THR A 488 -11.29 19.14 -18.59
CA THR A 488 -10.89 20.49 -18.12
C THR A 488 -10.99 20.67 -16.59
N ASN A 489 -11.53 19.68 -15.87
CA ASN A 489 -11.53 19.71 -14.40
C ASN A 489 -10.11 19.76 -13.84
N THR A 490 -9.87 20.65 -12.87
CA THR A 490 -8.59 20.76 -12.18
C THR A 490 -8.59 20.11 -10.79
N GLY A 491 -9.72 19.58 -10.35
CA GLY A 491 -9.76 18.73 -9.14
C GLY A 491 -10.82 19.21 -8.17
N VAL A 492 -10.72 18.76 -6.92
CA VAL A 492 -11.72 19.01 -5.89
C VAL A 492 -11.03 18.99 -4.51
N VAL A 493 -11.39 19.97 -3.68
CA VAL A 493 -10.86 20.08 -2.33
C VAL A 493 -11.92 19.65 -1.32
N LEU A 494 -11.62 18.58 -0.61
CA LEU A 494 -12.39 18.15 0.53
C LEU A 494 -11.38 18.28 1.67
N PRO A 495 -11.44 19.41 2.42
CA PRO A 495 -10.31 19.74 3.28
C PRO A 495 -9.95 18.66 4.28
N GLY A 496 -8.65 18.33 4.34
CA GLY A 496 -8.11 17.33 5.22
C GLY A 496 -8.12 15.88 4.73
N ALA A 497 -8.79 15.62 3.60
CA ALA A 497 -8.98 14.24 3.15
C ALA A 497 -7.63 13.59 2.77
N MET A 498 -7.29 12.49 3.43
CA MET A 498 -6.05 11.75 3.14
C MET A 498 -6.33 10.63 2.17
N VAL A 499 -5.70 10.68 1.00
CA VAL A 499 -5.80 9.55 0.04
C VAL A 499 -4.81 8.45 0.42
N SER A 500 -5.06 7.20 -0.02
CA SER A 500 -4.24 6.07 0.37
C SER A 500 -2.81 6.20 -0.20
N GLY A 501 -2.64 6.83 -1.38
CA GLY A 501 -1.29 7.12 -1.84
C GLY A 501 -0.56 5.93 -2.47
N PRO A 502 0.78 5.85 -2.30
CA PRO A 502 1.60 4.93 -3.08
C PRO A 502 1.27 3.40 -2.97
N ASN A 503 1.23 2.77 -4.16
CA ASN A 503 1.00 1.35 -4.37
C ASN A 503 2.35 0.70 -4.74
N ILE A 504 2.35 -0.62 -4.79
CA ILE A 504 3.53 -1.39 -5.26
C ILE A 504 3.86 -1.09 -6.73
N LYS A 505 2.80 -0.92 -7.53
CA LYS A 505 2.88 -0.61 -8.94
C LYS A 505 1.69 0.31 -9.33
N ASP A 506 1.80 0.89 -10.50
CA ASP A 506 0.62 1.42 -11.21
C ASP A 506 -0.34 0.21 -11.39
N PRO A 507 -1.57 0.31 -10.86
CA PRO A 507 -2.52 -0.81 -11.03
C PRO A 507 -2.86 -1.20 -12.48
N ASN A 508 -2.53 -0.36 -13.46
CA ASN A 508 -2.79 -0.67 -14.88
C ASN A 508 -1.54 -0.96 -15.67
N ASN A 509 -0.39 -1.08 -14.98
CA ASN A 509 0.90 -1.33 -15.63
C ASN A 509 1.90 -1.97 -14.62
N LYS A 510 1.94 -3.31 -14.65
CA LYS A 510 2.93 -4.09 -13.91
C LYS A 510 4.39 -3.67 -14.10
N LEU A 511 4.74 -3.11 -15.26
CA LEU A 511 6.12 -2.68 -15.52
C LEU A 511 6.39 -1.23 -15.18
N SER A 512 5.55 -0.62 -14.36
CA SER A 512 5.83 0.73 -13.91
C SER A 512 6.98 0.71 -12.88
N SER A 513 7.37 1.91 -12.48
CA SER A 513 8.17 2.17 -11.27
C SER A 513 7.54 1.45 -10.05
N SER A 514 8.39 1.04 -9.10
CA SER A 514 7.95 0.41 -7.85
C SER A 514 8.76 0.97 -6.67
N PRO A 515 8.09 1.57 -5.67
CA PRO A 515 6.69 1.91 -5.61
C PRO A 515 6.23 2.98 -6.63
N TRP A 516 4.92 3.28 -6.62
CA TRP A 516 4.25 4.12 -7.64
C TRP A 516 3.16 4.99 -7.05
N TYR A 517 3.14 6.24 -7.49
CA TYR A 517 2.01 7.13 -7.26
C TYR A 517 1.93 8.18 -8.38
N GLU A 518 0.73 8.42 -8.93
CA GLU A 518 0.48 9.62 -9.73
C GLU A 518 -0.87 10.21 -9.37
N ASP A 519 -0.96 11.53 -9.37
CA ASP A 519 -2.23 12.23 -9.11
C ASP A 519 -3.01 12.33 -10.45
N LYS A 520 -3.71 11.25 -10.80
CA LYS A 520 -4.37 11.08 -12.09
C LYS A 520 -5.87 11.35 -11.95
N PRO A 521 -6.48 12.09 -12.90
CA PRO A 521 -7.94 12.22 -12.89
C PRO A 521 -8.64 10.90 -13.19
N ILE A 522 -9.92 10.82 -12.84
CA ILE A 522 -10.69 9.57 -13.01
C ILE A 522 -10.86 9.22 -14.49
N TRP A 523 -10.96 10.22 -15.34
CA TRP A 523 -11.08 9.90 -16.77
C TRP A 523 -9.80 9.24 -17.33
N ALA A 524 -8.64 9.50 -16.71
CA ALA A 524 -7.38 8.89 -17.17
C ALA A 524 -7.18 7.51 -16.53
N ASP A 525 -7.87 7.19 -15.45
CA ASP A 525 -7.87 5.83 -14.87
C ASP A 525 -9.28 5.50 -14.36
N ASP A 526 -10.15 5.08 -15.27
CA ASP A 526 -11.55 4.87 -14.92
C ASP A 526 -11.78 3.49 -14.26
N THR A 527 -10.76 2.62 -14.15
CA THR A 527 -10.95 1.32 -13.54
C THR A 527 -10.30 1.14 -12.17
N ASN A 528 -9.17 1.82 -11.91
CA ASN A 528 -8.40 1.56 -10.66
C ASN A 528 -7.94 2.82 -9.90
N GLN A 529 -8.51 4.00 -10.20
CA GLN A 529 -8.03 5.25 -9.60
C GLN A 529 -8.23 5.27 -8.09
N TRP A 530 -9.28 4.57 -7.66
CA TRP A 530 -9.65 4.42 -6.23
C TRP A 530 -8.59 3.70 -5.35
N ARG A 531 -7.64 3.02 -5.98
CA ARG A 531 -6.57 2.30 -5.24
C ARG A 531 -5.51 3.25 -4.69
N TYR A 532 -5.47 4.49 -5.18
CA TYR A 532 -4.47 5.46 -4.74
C TYR A 532 -4.99 6.86 -4.42
N ASN A 533 -6.06 7.30 -5.08
CA ASN A 533 -6.60 8.64 -4.92
C ASN A 533 -7.92 8.75 -4.20
N GLU A 534 -8.30 7.71 -3.43
CA GLU A 534 -9.54 7.73 -2.61
C GLU A 534 -9.22 7.81 -1.11
N TYR A 535 -9.99 8.66 -0.43
CA TYR A 535 -10.05 8.83 1.01
C TYR A 535 -11.15 7.90 1.55
N SER A 536 -11.26 7.76 2.88
CA SER A 536 -12.47 7.14 3.48
C SER A 536 -12.58 7.50 4.95
N VAL A 537 -13.76 7.22 5.51
CA VAL A 537 -13.98 7.43 6.94
C VAL A 537 -13.00 6.68 7.81
N SER A 538 -12.54 5.50 7.36
CA SER A 538 -11.59 4.70 8.13
C SER A 538 -10.12 4.99 7.79
N ILE A 539 -9.82 5.25 6.52
CA ILE A 539 -8.49 5.68 6.12
C ILE A 539 -8.03 6.92 6.90
N GLN A 540 -8.94 7.86 7.12
CA GLN A 540 -8.68 9.09 7.86
C GLN A 540 -8.33 8.95 9.35
N THR A 541 -8.75 7.86 9.98
CA THR A 541 -8.80 7.74 11.45
C THR A 541 -7.48 8.00 12.16
N GLY A 542 -6.39 7.43 11.65
CA GLY A 542 -5.09 7.61 12.28
C GLY A 542 -4.55 9.03 12.20
N LEU A 543 -4.82 9.68 11.06
CA LEU A 543 -4.38 11.06 10.88
C LEU A 543 -5.21 11.99 11.76
N PHE A 544 -6.54 11.79 11.75
CA PHE A 544 -7.48 12.49 12.64
C PHE A 544 -7.00 12.38 14.07
N TYR A 545 -6.78 11.16 14.56
CA TYR A 545 -6.34 10.97 15.94
C TYR A 545 -5.03 11.75 16.23
N THR A 546 -4.05 11.60 15.35
CA THR A 546 -2.71 12.14 15.56
C THR A 546 -2.73 13.68 15.58
N ILE A 547 -3.52 14.31 14.70
CA ILE A 547 -3.67 15.78 14.71
C ILE A 547 -4.29 16.25 16.04
N MET A 548 -5.26 15.51 16.58
CA MET A 548 -5.87 15.94 17.84
C MET A 548 -4.86 15.82 19.01
N GLY A 549 -4.14 14.70 19.04
CA GLY A 549 -3.15 14.43 20.06
C GLY A 549 -2.04 15.45 20.09
N LEU A 550 -1.50 15.77 18.92
CA LEU A 550 -0.40 16.72 18.84
C LEU A 550 -0.91 18.13 19.10
N SER A 551 -2.16 18.43 18.73
CA SER A 551 -2.76 19.73 19.13
C SER A 551 -2.79 19.90 20.65
N ALA A 552 -3.12 18.82 21.36
CA ALA A 552 -3.12 18.83 22.84
C ALA A 552 -1.71 18.81 23.43
N LEU A 553 -0.84 17.99 22.85
CA LEU A 553 0.50 17.82 23.39
C LEU A 553 1.42 19.01 23.13
N GLY A 554 1.27 19.62 21.95
CA GLY A 554 2.12 20.72 21.54
C GLY A 554 3.47 20.23 21.09
N GLY A 555 4.41 21.16 21.00
CA GLY A 555 5.78 20.86 20.62
C GLY A 555 6.61 20.33 21.78
N ASN A 556 7.59 19.51 21.46
CA ASN A 556 8.39 18.83 22.47
C ASN A 556 9.69 18.31 21.84
N ALA A 557 10.81 18.64 22.49
CA ALA A 557 12.13 18.32 22.02
C ALA A 557 12.73 17.14 22.80
N SER A 558 12.04 16.00 22.87
CA SER A 558 12.63 14.82 23.53
C SER A 558 13.69 14.22 22.58
N THR A 559 14.98 14.31 22.98
CA THR A 559 16.09 13.79 22.15
C THR A 559 16.53 12.36 22.55
N GLY A 560 16.19 11.91 23.74
CA GLY A 560 16.74 10.65 24.27
C GLY A 560 16.37 9.36 23.53
N GLY A 561 16.93 8.25 24.02
CA GLY A 561 16.40 6.91 23.76
C GLY A 561 17.13 5.98 22.81
N ALA A 562 17.21 4.72 23.21
CA ALA A 562 17.75 3.61 22.42
C ALA A 562 16.87 3.24 21.21
N GLU A 563 17.49 3.11 20.03
CA GLU A 563 16.81 2.66 18.83
C GLU A 563 17.19 1.19 18.64
N PRO A 564 16.26 0.36 18.15
CA PRO A 564 16.68 -1.02 17.89
C PRO A 564 17.73 -1.12 16.80
N VAL A 565 18.52 -2.18 16.87
CA VAL A 565 19.45 -2.52 15.83
C VAL A 565 18.69 -2.70 14.50
N LYS A 566 19.22 -2.12 13.44
CA LYS A 566 18.65 -2.26 12.11
C LYS A 566 19.04 -3.58 11.45
N LEU A 567 18.12 -4.11 10.65
CA LEU A 567 18.26 -5.38 9.96
C LEU A 567 18.14 -5.17 8.43
N PRO A 568 19.12 -4.51 7.79
CA PRO A 568 18.98 -4.26 6.36
C PRO A 568 18.80 -5.55 5.54
N ILE A 569 17.80 -5.57 4.66
CA ILE A 569 17.73 -6.59 3.60
C ILE A 569 18.47 -6.02 2.39
N THR A 570 19.50 -6.76 1.93
CA THR A 570 20.38 -6.28 0.88
C THR A 570 20.09 -6.84 -0.52
N TRP A 571 19.24 -7.85 -0.63
CA TRP A 571 18.98 -8.54 -1.91
C TRP A 571 17.83 -9.51 -1.71
N PRO A 572 16.90 -9.67 -2.66
CA PRO A 572 16.61 -8.69 -3.70
C PRO A 572 16.17 -7.34 -3.12
N ILE A 573 16.10 -6.32 -3.96
CA ILE A 573 15.64 -4.96 -3.60
C ILE A 573 14.34 -4.66 -4.38
N ILE A 574 13.44 -3.89 -3.76
CA ILE A 574 12.19 -3.44 -4.38
C ILE A 574 12.50 -2.91 -5.76
N GLY A 575 11.67 -3.32 -6.72
CA GLY A 575 11.92 -3.06 -8.15
C GLY A 575 12.53 -4.20 -8.90
N ASP A 576 13.13 -5.17 -8.19
CA ASP A 576 13.72 -6.35 -8.84
C ASP A 576 12.66 -7.30 -9.38
N TYR A 577 13.03 -8.04 -10.45
CA TYR A 577 12.26 -9.13 -11.03
C TYR A 577 13.00 -10.44 -10.81
N VAL A 578 12.26 -11.52 -10.48
CA VAL A 578 12.86 -12.79 -10.08
C VAL A 578 12.30 -13.99 -10.81
N THR A 579 13.02 -15.12 -10.72
CA THR A 579 12.52 -16.39 -11.27
C THR A 579 13.09 -17.58 -10.46
N GLY A 580 12.34 -18.68 -10.37
CA GLY A 580 12.79 -19.87 -9.62
C GLY A 580 13.02 -19.56 -8.13
N ASP A 581 14.02 -20.21 -7.54
CA ASP A 581 14.36 -19.96 -6.14
C ASP A 581 15.10 -18.64 -5.98
N VAL A 582 14.64 -17.83 -5.03
CA VAL A 582 15.22 -16.55 -4.76
C VAL A 582 15.95 -16.61 -3.41
N THR A 583 17.15 -16.05 -3.36
CA THR A 583 17.87 -15.99 -2.05
C THR A 583 17.77 -14.57 -1.52
N VAL A 584 17.16 -14.42 -0.34
CA VAL A 584 17.01 -13.12 0.29
C VAL A 584 18.14 -12.99 1.33
N PHE A 585 18.86 -11.86 1.30
CA PHE A 585 20.07 -11.62 2.13
C PHE A 585 19.73 -10.55 3.19
N ALA A 586 20.06 -10.79 4.45
CA ALA A 586 19.92 -9.78 5.51
C ALA A 586 21.22 -9.66 6.34
N GLN A 587 21.60 -8.43 6.69
CA GLN A 587 22.89 -8.11 7.26
C GLN A 587 22.74 -7.12 8.44
N PRO A 588 22.41 -7.64 9.64
CA PRO A 588 22.15 -6.72 10.76
C PRO A 588 23.32 -5.91 11.15
N GLU A 589 23.04 -4.73 11.71
CA GLU A 589 24.08 -3.82 12.13
C GLU A 589 24.61 -4.16 13.53
N GLY A 590 24.13 -5.24 14.15
CA GLY A 590 24.66 -5.73 15.42
C GLY A 590 24.22 -7.18 15.57
N SER A 591 24.62 -7.82 16.68
CA SER A 591 24.27 -9.23 16.94
C SER A 591 22.77 -9.43 17.15
N LEU A 592 22.18 -10.39 16.45
CA LEU A 592 20.79 -10.80 16.69
C LEU A 592 20.67 -12.30 17.09
N SER A 593 19.65 -12.60 17.89
CA SER A 593 19.25 -13.97 18.18
C SER A 593 17.84 -14.26 17.63
N ASN A 594 17.54 -15.54 17.45
CA ASN A 594 16.23 -15.99 17.04
C ASN A 594 15.79 -15.26 15.76
N VAL A 595 16.66 -15.30 14.75
CA VAL A 595 16.37 -14.75 13.44
C VAL A 595 15.49 -15.76 12.65
N SER A 596 14.46 -15.24 11.99
CA SER A 596 13.58 -16.06 11.15
C SER A 596 12.91 -15.29 10.02
N ALA A 597 12.52 -16.03 8.98
CA ALA A 597 11.68 -15.55 7.87
C ALA A 597 10.68 -16.63 7.58
N ASN A 598 9.39 -16.29 7.53
CA ASN A 598 8.33 -17.29 7.19
C ASN A 598 8.35 -18.49 8.16
N GLY A 599 8.67 -18.25 9.44
CA GLY A 599 8.84 -19.32 10.41
C GLY A 599 10.10 -20.21 10.32
N ILE A 600 10.99 -19.95 9.37
CA ILE A 600 12.22 -20.72 9.20
C ILE A 600 13.35 -20.11 10.05
N VAL A 601 13.99 -20.93 10.88
CA VAL A 601 15.17 -20.51 11.68
C VAL A 601 16.33 -20.20 10.73
N LEU A 602 16.91 -19.00 10.83
CA LEU A 602 18.04 -18.59 10.00
C LEU A 602 19.28 -18.41 10.85
N SER A 603 20.40 -18.91 10.36
CA SER A 603 21.67 -18.91 11.11
C SER A 603 22.76 -18.08 10.37
N PRO A 604 23.62 -17.35 11.11
CA PRO A 604 24.55 -16.43 10.45
C PRO A 604 25.80 -17.08 9.83
N SER A 605 26.18 -16.58 8.64
CA SER A 605 27.47 -16.87 8.06
C SER A 605 28.08 -15.51 7.64
N ASP A 606 29.23 -15.17 8.23
CA ASP A 606 29.87 -13.85 8.06
C ASP A 606 28.90 -12.72 8.44
N GLY A 607 28.08 -12.95 9.48
CA GLY A 607 27.07 -11.98 9.95
C GLY A 607 25.96 -11.71 8.96
N VAL A 608 25.77 -12.61 7.99
CA VAL A 608 24.71 -12.53 6.97
C VAL A 608 23.79 -13.73 7.15
N TYR A 609 22.48 -13.46 7.10
CA TYR A 609 21.43 -14.47 7.12
C TYR A 609 20.80 -14.57 5.73
N THR A 610 20.51 -15.78 5.25
CA THR A 610 19.78 -15.96 3.99
C THR A 610 18.62 -16.92 4.13
N THR A 611 17.58 -16.70 3.33
CA THR A 611 16.44 -17.60 3.22
C THR A 611 16.11 -17.78 1.73
N THR A 612 15.70 -18.99 1.37
CA THR A 612 15.39 -19.39 0.02
C THR A 612 13.86 -19.36 -0.13
N VAL A 613 13.37 -18.61 -1.12
CA VAL A 613 11.97 -18.43 -1.37
C VAL A 613 11.66 -18.97 -2.77
N SER A 614 10.79 -19.94 -2.86
CA SER A 614 10.38 -20.56 -4.12
C SER A 614 9.33 -19.67 -4.84
N THR A 615 9.50 -19.41 -6.14
CA THR A 615 8.50 -18.67 -6.94
C THR A 615 7.94 -19.43 -8.12
N SER A 616 8.37 -20.67 -8.30
CA SER A 616 7.98 -21.45 -9.49
C SER A 616 6.48 -21.75 -9.56
N ALA A 617 5.79 -21.78 -8.43
CA ALA A 617 4.32 -21.93 -8.42
C ALA A 617 3.55 -20.59 -8.55
N ASP A 618 4.24 -19.44 -8.57
CA ASP A 618 3.55 -18.15 -8.65
C ASP A 618 3.13 -17.85 -10.09
N ALA A 619 1.99 -17.15 -10.24
CA ALA A 619 1.56 -16.62 -11.55
C ALA A 619 2.52 -15.55 -12.07
N PRO A 620 2.59 -15.37 -13.41
CA PRO A 620 3.33 -14.21 -13.94
C PRO A 620 2.90 -12.87 -13.29
N TYR A 621 3.89 -12.05 -12.94
CA TYR A 621 3.71 -10.75 -12.29
C TYR A 621 3.19 -10.75 -10.85
N THR A 622 3.27 -11.89 -10.16
CA THR A 622 3.03 -11.98 -8.72
C THR A 622 3.99 -11.05 -7.96
N GLU A 623 3.40 -10.24 -7.09
CA GLU A 623 4.11 -9.33 -6.24
C GLU A 623 4.36 -10.02 -4.90
N ARG A 624 5.65 -10.32 -4.62
CA ARG A 624 6.06 -11.02 -3.41
C ARG A 624 6.56 -10.07 -2.32
N LYS A 625 6.34 -10.47 -1.08
CA LYS A 625 6.87 -9.77 0.10
C LYS A 625 7.58 -10.79 1.02
N VAL A 626 8.75 -10.46 1.54
CA VAL A 626 9.43 -11.33 2.49
C VAL A 626 9.77 -10.48 3.70
N GLN A 627 9.36 -10.94 4.87
CA GLN A 627 9.65 -10.28 6.13
C GLN A 627 10.63 -11.12 6.97
N ILE A 628 11.69 -10.48 7.47
CA ILE A 628 12.70 -11.09 8.33
C ILE A 628 12.71 -10.36 9.66
N LYS A 629 12.84 -11.12 10.75
CA LYS A 629 12.90 -10.53 12.10
C LYS A 629 13.99 -11.21 12.94
N GLY A 630 14.46 -10.49 13.97
CA GLY A 630 15.37 -11.02 14.99
C GLY A 630 15.36 -10.16 16.25
N THR A 631 16.06 -10.60 17.29
CA THR A 631 16.05 -9.96 18.61
C THR A 631 17.47 -9.45 18.93
N ASP A 632 17.57 -8.15 19.23
CA ASP A 632 18.88 -7.53 19.50
C ASP A 632 19.28 -7.65 20.99
N ASP A 633 20.48 -7.16 21.29
CA ASP A 633 21.06 -7.28 22.65
C ASP A 633 20.23 -6.52 23.70
N SER A 634 19.41 -5.54 23.30
CA SER A 634 18.54 -4.84 24.26
C SER A 634 17.20 -5.51 24.44
N GLY A 635 16.91 -6.58 23.71
CA GLY A 635 15.58 -7.19 23.82
C GLY A 635 14.53 -6.73 22.79
N PHE A 636 14.88 -5.82 21.88
CA PHE A 636 13.91 -5.40 20.83
C PHE A 636 13.76 -6.49 19.78
N THR A 637 12.55 -6.73 19.26
CA THR A 637 12.42 -7.47 18.00
C THR A 637 12.37 -6.49 16.84
N THR A 638 13.37 -6.62 15.94
CA THR A 638 13.59 -5.74 14.78
C THR A 638 13.17 -6.45 13.50
N TYR A 639 12.41 -5.74 12.65
CA TYR A 639 11.75 -6.29 11.49
C TYR A 639 12.19 -5.54 10.22
N SER A 640 12.18 -6.23 9.11
CA SER A 640 12.38 -5.63 7.78
C SER A 640 11.62 -6.39 6.69
N ASN A 641 11.13 -5.66 5.67
CA ASN A 641 10.53 -6.20 4.47
C ASN A 641 11.37 -5.93 3.20
N THR A 642 11.30 -6.87 2.25
CA THR A 642 11.68 -6.58 0.87
C THR A 642 10.51 -7.02 -0.03
N HIS A 643 10.49 -6.47 -1.24
CA HIS A 643 9.42 -6.62 -2.23
C HIS A 643 10.07 -6.96 -3.59
N PHE A 644 9.48 -7.85 -4.37
CA PHE A 644 9.97 -8.12 -5.74
C PHE A 644 8.89 -8.80 -6.60
N THR A 645 8.98 -8.64 -7.92
CA THR A 645 8.00 -9.23 -8.85
C THR A 645 8.51 -10.55 -9.48
N VAL A 646 7.61 -11.55 -9.58
CA VAL A 646 7.93 -12.79 -10.28
C VAL A 646 7.74 -12.55 -11.78
N ALA A 647 8.80 -12.76 -12.54
CA ALA A 647 8.74 -12.48 -13.98
C ALA A 647 7.90 -13.55 -14.70
N PRO A 648 7.23 -13.16 -15.79
CA PRO A 648 6.70 -14.24 -16.63
C PRO A 648 7.83 -15.11 -17.16
N ALA A 649 7.47 -16.33 -17.52
CA ALA A 649 8.39 -17.23 -18.24
C ALA A 649 8.89 -16.55 -19.51
N LEU A 650 10.15 -16.84 -19.89
CA LEU A 650 10.62 -16.36 -21.20
C LEU A 650 9.72 -16.91 -22.34
N PRO A 651 9.31 -16.05 -23.29
CA PRO A 651 8.42 -16.54 -24.35
C PRO A 651 9.13 -17.62 -25.17
N ASP A 652 8.49 -18.80 -25.25
CA ASP A 652 8.99 -19.92 -26.04
C ASP A 652 7.81 -20.89 -26.31
N PRO A 653 8.01 -21.87 -27.21
CA PRO A 653 6.88 -22.75 -27.63
C PRO A 653 6.21 -23.58 -26.53
N SER A 654 6.97 -23.91 -25.46
CA SER A 654 6.47 -24.66 -24.30
C SER A 654 5.88 -23.79 -23.18
N HIS A 655 5.98 -22.47 -23.31
CA HIS A 655 5.51 -21.55 -22.26
C HIS A 655 4.58 -20.54 -22.87
N PRO A 656 3.42 -21.00 -23.36
CA PRO A 656 2.40 -20.06 -23.79
C PRO A 656 2.03 -19.06 -22.65
N LEU A 657 1.63 -17.84 -23.00
CA LEU A 657 1.20 -16.86 -22.03
C LEU A 657 -0.34 -16.91 -21.98
N LEU A 658 -0.88 -17.43 -20.88
CA LEU A 658 -2.32 -17.60 -20.75
C LEU A 658 -2.90 -16.22 -20.51
N PHE A 659 -3.84 -15.81 -21.35
CA PHE A 659 -4.55 -14.55 -21.14
C PHE A 659 -5.80 -14.77 -20.28
N ASP A 660 -6.65 -15.71 -20.67
CA ASP A 660 -7.87 -16.03 -19.90
C ASP A 660 -8.27 -17.46 -20.16
N ASP A 661 -8.41 -18.28 -19.11
CA ASP A 661 -8.94 -19.66 -19.26
C ASP A 661 -10.40 -19.75 -18.78
N PHE A 662 -10.97 -18.60 -18.43
CA PHE A 662 -12.34 -18.48 -17.93
C PHE A 662 -12.61 -19.37 -16.71
N ASN A 663 -11.54 -19.60 -15.92
CA ASN A 663 -11.58 -20.22 -14.61
C ASN A 663 -10.71 -19.38 -13.66
N GLN A 664 -10.71 -18.05 -13.88
CA GLN A 664 -9.94 -17.08 -13.10
C GLN A 664 -8.41 -17.33 -13.10
N LYS A 665 -7.86 -17.67 -14.26
CA LYS A 665 -6.40 -17.78 -14.43
C LYS A 665 -5.99 -17.11 -15.71
N GLY A 666 -4.70 -16.73 -15.79
CA GLY A 666 -4.13 -16.03 -16.93
C GLY A 666 -3.95 -14.58 -16.58
N ILE A 667 -3.23 -13.83 -17.42
CA ILE A 667 -2.81 -12.44 -17.03
C ILE A 667 -4.00 -11.49 -16.92
N TRP A 668 -5.05 -11.72 -17.72
CA TRP A 668 -6.33 -11.03 -17.51
C TRP A 668 -7.19 -11.83 -16.52
N GLY A 669 -7.29 -13.14 -16.73
CA GLY A 669 -8.18 -14.00 -15.94
C GLY A 669 -8.03 -13.89 -14.42
N SER A 670 -6.79 -13.76 -13.97
CA SER A 670 -6.48 -13.69 -12.52
C SER A 670 -6.89 -12.37 -11.84
N GLN A 671 -7.12 -11.31 -12.61
CA GLN A 671 -7.62 -10.03 -12.06
C GLN A 671 -9.03 -10.17 -11.48
N LYS A 672 -9.70 -11.26 -11.85
CA LYS A 672 -10.91 -11.72 -11.18
C LYS A 672 -12.06 -10.73 -11.50
N LEU A 673 -12.05 -10.26 -12.74
CA LEU A 673 -12.98 -9.27 -13.26
C LEU A 673 -13.69 -9.85 -14.53
N ASP A 674 -14.98 -9.60 -14.66
CA ASP A 674 -15.75 -10.03 -15.83
C ASP A 674 -15.51 -9.11 -17.00
N TRP A 675 -15.39 -9.82 -18.19
CA TRP A 675 -15.46 -9.11 -19.45
C TRP A 675 -16.74 -8.31 -19.41
N VAL A 676 -16.70 -7.19 -20.11
CA VAL A 676 -17.64 -6.12 -19.89
C VAL A 676 -18.07 -5.56 -21.27
N ASN A 677 -19.35 -5.25 -21.41
CA ASN A 677 -19.89 -4.61 -22.62
C ASN A 677 -20.17 -3.17 -22.26
N TRP A 678 -19.29 -2.27 -22.69
CA TRP A 678 -19.44 -0.84 -22.44
C TRP A 678 -19.86 -0.03 -23.65
N TYR A 679 -19.62 -0.53 -24.86
CA TYR A 679 -20.02 0.18 -26.08
C TYR A 679 -20.88 -0.71 -26.99
N ASN A 680 -21.96 -0.13 -27.53
CA ASN A 680 -22.80 -0.77 -28.55
C ASN A 680 -23.10 0.24 -29.64
N GLN A 681 -22.83 -0.13 -30.90
CA GLN A 681 -22.75 0.84 -32.01
C GLN A 681 -24.10 1.42 -32.47
N ASN A 682 -25.09 0.59 -32.77
CA ASN A 682 -26.42 1.13 -33.16
C ASN A 682 -27.44 0.97 -32.08
N GLY A 683 -27.54 -0.24 -31.55
CA GLY A 683 -28.32 -0.46 -30.36
C GLY A 683 -28.04 -1.84 -29.83
N GLY A 684 -29.02 -2.40 -29.13
CA GLY A 684 -28.91 -3.76 -28.63
C GLY A 684 -28.08 -3.83 -27.36
N THR A 685 -28.49 -4.71 -26.45
CA THR A 685 -27.71 -4.98 -25.24
C THR A 685 -26.81 -6.21 -25.50
N ALA A 686 -25.92 -6.43 -24.54
CA ALA A 686 -25.07 -7.60 -24.54
C ALA A 686 -24.59 -7.92 -23.14
N SER A 687 -24.43 -9.21 -22.85
CA SER A 687 -24.04 -9.70 -21.54
C SER A 687 -22.98 -10.79 -21.64
N TYR A 688 -22.18 -10.90 -20.57
CA TYR A 688 -21.13 -11.87 -20.43
C TYR A 688 -21.37 -12.70 -19.17
N THR A 689 -21.10 -13.99 -19.23
CA THR A 689 -21.21 -14.90 -18.07
C THR A 689 -20.12 -15.95 -18.08
N ARG A 690 -19.52 -16.21 -16.92
CA ARG A 690 -18.61 -17.37 -16.74
C ARG A 690 -19.46 -18.58 -16.40
N THR A 691 -19.43 -19.59 -17.27
CA THR A 691 -20.26 -20.79 -17.08
C THR A 691 -19.44 -22.03 -17.46
N THR A 692 -20.09 -23.20 -17.43
CA THR A 692 -19.50 -24.45 -17.91
C THR A 692 -20.37 -24.98 -19.04
N VAL A 693 -19.75 -25.23 -20.20
CA VAL A 693 -20.41 -25.94 -21.32
C VAL A 693 -19.47 -27.10 -21.67
N ASP A 694 -20.07 -28.26 -21.97
CA ASP A 694 -19.34 -29.49 -22.32
C ASP A 694 -18.21 -29.88 -21.33
N THR A 695 -18.41 -29.62 -20.04
CA THR A 695 -17.42 -29.88 -18.99
C THR A 695 -16.24 -28.89 -18.97
N ARG A 696 -16.15 -28.03 -19.99
CA ARG A 696 -15.08 -27.04 -20.09
C ARG A 696 -15.60 -25.78 -19.44
N THR A 697 -14.75 -25.02 -18.75
CA THR A 697 -15.17 -23.71 -18.22
C THR A 697 -14.89 -22.64 -19.26
N VAL A 698 -15.88 -21.77 -19.47
CA VAL A 698 -15.97 -20.95 -20.68
C VAL A 698 -16.56 -19.58 -20.39
N GLY A 699 -16.22 -18.61 -21.23
CA GLY A 699 -16.87 -17.31 -21.26
C GLY A 699 -18.05 -17.36 -22.25
N LYS A 700 -19.23 -16.95 -21.79
CA LYS A 700 -20.47 -16.93 -22.62
C LYS A 700 -20.84 -15.51 -22.98
N PHE A 701 -20.62 -15.14 -24.24
CA PHE A 701 -20.82 -13.79 -24.72
C PHE A 701 -22.17 -13.79 -25.40
N ALA A 702 -23.20 -13.31 -24.69
CA ALA A 702 -24.59 -13.29 -25.21
C ALA A 702 -24.94 -11.92 -25.81
N HIS A 703 -25.51 -11.93 -27.01
CA HIS A 703 -25.83 -10.71 -27.76
C HIS A 703 -27.33 -10.61 -28.11
N THR A 704 -27.96 -9.49 -27.74
CA THR A 704 -29.37 -9.20 -28.06
C THR A 704 -29.35 -7.90 -28.87
N PRO A 705 -29.35 -8.02 -30.23
CA PRO A 705 -29.32 -6.82 -31.08
C PRO A 705 -30.68 -6.13 -31.11
N ALA A 706 -30.67 -4.81 -31.33
CA ALA A 706 -31.90 -4.04 -31.63
C ALA A 706 -32.23 -4.13 -33.11
N ALA A 707 -31.20 -4.22 -33.95
CA ALA A 707 -31.39 -4.39 -35.39
C ALA A 707 -30.23 -5.16 -36.02
N THR A 708 -30.40 -5.43 -37.31
CA THR A 708 -29.35 -5.87 -38.26
C THR A 708 -27.95 -5.25 -38.03
N THR A 709 -27.93 -3.93 -37.83
CA THR A 709 -26.68 -3.15 -37.79
C THR A 709 -26.03 -3.01 -36.38
N SER A 710 -26.67 -3.58 -35.35
CA SER A 710 -26.16 -3.57 -33.97
C SER A 710 -24.81 -4.32 -33.85
N LYS A 711 -23.84 -3.74 -33.13
CA LYS A 711 -22.55 -4.40 -32.89
C LYS A 711 -22.17 -4.20 -31.43
N ALA A 712 -22.07 -5.29 -30.67
CA ALA A 712 -21.71 -5.28 -29.24
C ALA A 712 -20.20 -5.49 -29.02
N LYS A 713 -19.58 -4.55 -28.29
CA LYS A 713 -18.16 -4.58 -27.99
C LYS A 713 -17.93 -5.13 -26.59
N PHE A 714 -17.14 -6.20 -26.50
CA PHE A 714 -16.71 -6.77 -25.22
C PHE A 714 -15.20 -6.52 -25.01
N GLN A 715 -14.81 -6.33 -23.76
CA GLN A 715 -13.42 -6.03 -23.46
C GLN A 715 -13.05 -6.39 -22.01
N PRO A 716 -11.75 -6.66 -21.75
CA PRO A 716 -11.26 -7.04 -20.45
C PRO A 716 -11.04 -5.77 -19.60
N TRP A 717 -12.13 -5.10 -19.23
CA TRP A 717 -12.10 -3.70 -18.77
C TRP A 717 -11.20 -2.88 -19.70
N LYS A 718 -10.23 -2.09 -19.18
CA LYS A 718 -9.21 -1.41 -20.00
C LYS A 718 -7.78 -2.08 -19.97
N TYR A 719 -7.71 -3.37 -19.63
CA TYR A 719 -6.43 -4.06 -19.44
C TYR A 719 -5.62 -4.22 -20.74
N ASN A 720 -4.40 -3.65 -20.75
CA ASN A 720 -3.46 -3.78 -21.87
C ASN A 720 -2.46 -4.89 -21.57
N ALA A 721 -2.36 -5.85 -22.46
CA ALA A 721 -1.48 -6.99 -22.25
C ALA A 721 -0.12 -6.73 -22.90
N ASN A 722 0.97 -7.16 -22.24
CA ASN A 722 2.29 -7.14 -22.85
C ASN A 722 2.58 -8.49 -23.53
N LEU A 723 2.55 -8.48 -24.86
CA LEU A 723 2.75 -9.64 -25.67
C LEU A 723 4.09 -9.67 -26.39
N ASN A 724 5.06 -8.85 -25.96
CA ASN A 724 6.39 -8.88 -26.55
C ASN A 724 6.95 -10.29 -26.48
N GLY A 725 7.50 -10.76 -27.59
CA GLY A 725 8.12 -12.10 -27.68
C GLY A 725 7.24 -13.22 -28.19
N TYR A 726 5.92 -12.97 -28.31
CA TYR A 726 4.95 -13.95 -28.86
C TYR A 726 4.43 -13.52 -30.22
N ARG A 727 4.42 -14.44 -31.17
CA ARG A 727 4.03 -14.17 -32.54
C ARG A 727 2.50 -14.31 -32.72
N TYR A 728 1.87 -15.24 -31.98
CA TYR A 728 0.48 -15.61 -32.24
C TYR A 728 -0.45 -15.33 -31.02
N LEU A 729 -1.73 -15.08 -31.29
CA LEU A 729 -2.80 -15.12 -30.28
C LEU A 729 -3.77 -16.22 -30.68
N ASN A 730 -4.00 -17.17 -29.78
CA ASN A 730 -4.87 -18.33 -30.04
C ASN A 730 -6.19 -18.18 -29.27
N PHE A 731 -7.32 -18.35 -29.98
CA PHE A 731 -8.65 -18.38 -29.36
C PHE A 731 -9.28 -19.74 -29.59
N THR A 732 -9.71 -20.38 -28.51
CA THR A 732 -10.41 -21.66 -28.56
C THR A 732 -11.89 -21.42 -28.23
N MET A 733 -12.74 -21.60 -29.26
CA MET A 733 -14.11 -21.08 -29.27
C MET A 733 -15.11 -22.05 -29.90
N LYS A 734 -16.40 -21.84 -29.61
CA LYS A 734 -17.52 -22.53 -30.28
C LYS A 734 -18.71 -21.58 -30.48
N ASN A 735 -19.43 -21.72 -31.59
CA ASN A 735 -20.74 -21.05 -31.82
C ASN A 735 -21.81 -22.13 -31.51
N PRO A 736 -22.46 -22.09 -30.32
CA PRO A 736 -23.27 -23.24 -29.90
C PRO A 736 -24.69 -23.28 -30.51
N GLY A 737 -24.80 -23.10 -31.82
CA GLY A 737 -26.10 -23.18 -32.51
C GLY A 737 -26.77 -21.84 -32.78
N TYR A 738 -25.97 -20.81 -33.07
CA TYR A 738 -26.48 -19.53 -33.51
C TYR A 738 -25.72 -19.08 -34.75
N PRO A 739 -25.86 -19.81 -35.87
CA PRO A 739 -24.98 -19.62 -37.05
C PRO A 739 -24.94 -18.20 -37.68
N ASN A 740 -25.99 -17.40 -37.50
CA ASN A 740 -25.99 -16.00 -37.99
C ASN A 740 -25.20 -15.02 -37.09
N THR A 741 -24.89 -15.44 -35.86
CA THR A 741 -24.04 -14.61 -34.97
C THR A 741 -22.57 -14.76 -35.39
N LYS A 742 -21.99 -13.61 -35.77
CA LYS A 742 -20.60 -13.48 -36.16
C LYS A 742 -19.75 -12.79 -35.07
N ILE A 743 -18.43 -12.99 -35.13
CA ILE A 743 -17.45 -12.48 -34.18
C ILE A 743 -16.37 -11.72 -34.94
N ARG A 744 -15.94 -10.57 -34.41
CA ARG A 744 -14.73 -9.88 -34.89
C ARG A 744 -13.77 -9.72 -33.70
N ILE A 745 -12.48 -10.01 -33.93
CA ILE A 745 -11.45 -9.89 -32.88
C ILE A 745 -10.48 -8.79 -33.33
N ALA A 746 -10.28 -7.79 -32.47
CA ALA A 746 -9.37 -6.68 -32.76
C ALA A 746 -8.30 -6.54 -31.67
N ALA A 747 -7.16 -5.99 -32.07
CA ALA A 747 -6.06 -5.65 -31.17
C ALA A 747 -5.83 -4.15 -31.26
N ASN A 748 -6.03 -3.46 -30.13
CA ASN A 748 -5.92 -2.01 -30.05
C ASN A 748 -4.75 -1.66 -29.10
N ASP A 749 -3.72 -1.04 -29.65
CA ASP A 749 -2.52 -0.68 -28.88
C ASP A 749 -2.50 0.76 -28.32
N GLY A 750 -3.62 1.48 -28.40
CA GLY A 750 -3.68 2.91 -28.03
C GLY A 750 -3.45 3.91 -29.16
N THR A 751 -2.81 3.46 -30.26
CA THR A 751 -2.56 4.29 -31.45
C THR A 751 -3.54 3.99 -32.60
N LYS A 752 -3.68 2.72 -32.96
CA LYS A 752 -4.65 2.32 -33.98
C LYS A 752 -5.27 1.00 -33.53
N SER A 753 -6.42 0.67 -34.09
CA SER A 753 -7.05 -0.65 -33.90
C SER A 753 -6.81 -1.49 -35.16
N VAL A 754 -6.58 -2.79 -34.97
CA VAL A 754 -6.23 -3.69 -36.06
C VAL A 754 -7.10 -4.94 -35.93
N ASN A 755 -7.69 -5.42 -37.04
CA ASN A 755 -8.49 -6.67 -37.03
C ASN A 755 -7.64 -7.96 -37.13
N LEU A 756 -7.84 -8.88 -36.20
CA LEU A 756 -7.15 -10.18 -36.23
C LEU A 756 -7.98 -11.16 -37.06
N THR A 757 -9.30 -11.14 -36.85
CA THR A 757 -10.23 -11.79 -37.76
C THR A 757 -10.28 -11.01 -39.08
N SER A 758 -10.80 -11.63 -40.13
CA SER A 758 -10.96 -11.00 -41.44
C SER A 758 -12.31 -10.27 -41.42
N GLY A 759 -12.31 -9.08 -40.79
CA GLY A 759 -13.54 -8.37 -40.44
C GLY A 759 -14.39 -9.21 -39.49
N GLU A 760 -15.70 -9.24 -39.75
CA GLU A 760 -16.64 -10.05 -38.98
C GLU A 760 -16.68 -11.42 -39.63
N VAL A 761 -16.49 -12.50 -38.87
CA VAL A 761 -16.39 -13.85 -39.45
C VAL A 761 -17.32 -14.83 -38.76
N ALA A 762 -17.66 -15.92 -39.43
CA ALA A 762 -18.39 -17.02 -38.82
C ALA A 762 -17.35 -17.96 -38.22
N ILE A 763 -17.71 -18.66 -37.15
CA ILE A 763 -16.86 -19.68 -36.57
C ILE A 763 -17.64 -20.99 -36.47
N SER A 764 -16.90 -22.08 -36.33
CA SER A 764 -17.47 -23.44 -36.32
C SER A 764 -18.35 -23.65 -35.06
N SER A 765 -19.34 -24.52 -35.22
CA SER A 765 -20.12 -25.04 -34.10
C SER A 765 -19.41 -26.18 -33.35
N THR A 766 -18.24 -26.64 -33.85
CA THR A 766 -17.33 -27.55 -33.12
C THR A 766 -16.26 -26.70 -32.43
N TRP A 767 -15.89 -27.07 -31.20
CA TRP A 767 -14.73 -26.50 -30.50
C TRP A 767 -13.51 -26.49 -31.42
N THR A 768 -13.00 -25.29 -31.70
CA THR A 768 -11.89 -25.09 -32.65
C THR A 768 -10.96 -24.00 -32.11
N THR A 769 -9.65 -24.19 -32.32
CA THR A 769 -8.64 -23.19 -31.97
C THR A 769 -8.28 -22.39 -33.21
N TYR A 770 -8.40 -21.07 -33.12
CA TYR A 770 -8.03 -20.17 -34.23
C TYR A 770 -6.72 -19.46 -33.89
N GLN A 771 -5.79 -19.44 -34.84
CA GLN A 771 -4.45 -18.84 -34.63
C GLN A 771 -4.29 -17.55 -35.46
N TYR A 772 -4.06 -16.41 -34.79
CA TYR A 772 -3.90 -15.13 -35.47
C TYR A 772 -2.44 -14.69 -35.38
N ASP A 773 -1.88 -14.35 -36.55
CA ASP A 773 -0.47 -13.99 -36.72
C ASP A 773 -0.24 -12.49 -36.46
N LEU A 774 0.41 -12.11 -35.35
CA LEU A 774 0.64 -10.69 -35.04
C LEU A 774 1.65 -10.04 -35.98
N ASN A 775 2.51 -10.86 -36.58
CA ASN A 775 3.44 -10.36 -37.60
C ASN A 775 2.80 -9.74 -38.84
N LEU A 776 1.52 -10.02 -39.10
CA LEU A 776 0.77 -9.31 -40.16
C LEU A 776 0.55 -7.82 -39.86
N HIS A 777 0.74 -7.43 -38.58
CA HIS A 777 0.58 -6.05 -38.13
C HIS A 777 1.88 -5.56 -37.53
N PRO A 778 2.91 -5.35 -38.37
CA PRO A 778 4.25 -5.21 -37.78
C PRO A 778 4.53 -3.87 -37.09
N THR A 779 3.63 -2.89 -37.20
CA THR A 779 3.77 -1.65 -36.39
C THR A 779 2.90 -1.65 -35.11
N LEU A 780 2.20 -2.75 -34.84
CA LEU A 780 1.48 -2.92 -33.55
C LEU A 780 2.48 -2.78 -32.39
N ASN A 781 2.18 -1.93 -31.41
CA ASN A 781 2.95 -1.85 -30.18
C ASN A 781 2.50 -3.01 -29.27
N LYS A 782 3.22 -4.13 -29.37
CA LYS A 782 2.88 -5.34 -28.66
C LYS A 782 3.05 -5.21 -27.15
N SER A 783 3.69 -4.15 -26.66
CA SER A 783 3.80 -4.00 -25.23
C SER A 783 2.53 -3.46 -24.58
N ASN A 784 1.55 -3.02 -25.37
CA ASN A 784 0.34 -2.33 -24.89
C ASN A 784 -0.93 -2.77 -25.67
N VAL A 785 -1.38 -4.01 -25.55
CA VAL A 785 -2.49 -4.52 -26.38
C VAL A 785 -3.79 -4.80 -25.63
N LEU A 786 -4.86 -4.11 -26.05
CA LEU A 786 -6.24 -4.37 -25.57
C LEU A 786 -6.94 -5.28 -26.56
N ILE A 787 -7.39 -6.45 -26.13
CA ILE A 787 -8.10 -7.38 -27.00
C ILE A 787 -9.59 -7.02 -26.99
N GLU A 788 -10.18 -6.84 -28.17
CA GLU A 788 -11.63 -6.51 -28.33
C GLU A 788 -12.36 -7.69 -28.98
N VAL A 789 -13.48 -8.10 -28.37
CA VAL A 789 -14.34 -9.15 -28.93
C VAL A 789 -15.67 -8.48 -29.30
N TRP A 790 -16.01 -8.49 -30.60
CA TRP A 790 -17.27 -7.89 -31.08
C TRP A 790 -18.23 -8.96 -31.57
N LEU A 791 -19.50 -8.84 -31.20
CA LEU A 791 -20.56 -9.73 -31.69
C LEU A 791 -21.55 -8.98 -32.58
N SER A 792 -22.19 -9.71 -33.49
CA SER A 792 -23.20 -9.17 -34.41
C SER A 792 -24.04 -10.27 -35.08
N ASN A 793 -25.17 -9.84 -35.65
CA ASN A 793 -25.97 -10.66 -36.55
C ASN A 793 -26.42 -9.78 -37.72
N PRO A 794 -25.54 -9.58 -38.71
CA PRO A 794 -25.86 -8.65 -39.82
C PRO A 794 -26.98 -9.08 -40.79
N THR A 795 -27.31 -10.39 -40.85
CA THR A 795 -28.35 -10.88 -41.78
C THR A 795 -29.71 -11.22 -41.12
N ALA A 796 -29.93 -10.75 -39.90
CA ALA A 796 -31.19 -11.04 -39.16
C ALA A 796 -31.44 -10.10 -37.98
N GLY A 797 -30.38 -9.77 -37.23
CA GLY A 797 -30.48 -8.91 -36.05
C GLY A 797 -31.11 -9.65 -34.89
N ALA A 798 -30.79 -10.93 -34.73
CA ALA A 798 -31.37 -11.77 -33.67
C ALA A 798 -30.34 -12.19 -32.61
N TYR A 799 -30.87 -12.71 -31.50
CA TYR A 799 -30.06 -13.18 -30.38
C TYR A 799 -29.10 -14.27 -30.78
N GLY A 800 -27.87 -14.19 -30.26
CA GLY A 800 -26.92 -15.28 -30.38
C GLY A 800 -25.88 -15.26 -29.29
N GLU A 801 -25.03 -16.27 -29.31
CA GLU A 801 -24.00 -16.46 -28.29
C GLU A 801 -22.73 -16.95 -28.98
N ILE A 802 -21.59 -16.61 -28.37
CA ILE A 802 -20.28 -17.17 -28.70
C ILE A 802 -19.68 -17.66 -27.37
N LEU A 803 -19.07 -18.84 -27.40
CA LEU A 803 -18.36 -19.42 -26.25
C LEU A 803 -16.85 -19.40 -26.51
N ILE A 804 -16.07 -18.90 -25.55
CA ILE A 804 -14.60 -18.95 -25.56
C ILE A 804 -14.10 -19.74 -24.36
N ASP A 805 -13.37 -20.81 -24.66
CA ASP A 805 -12.77 -21.71 -23.68
C ASP A 805 -11.43 -21.13 -23.17
N GLU A 806 -10.61 -20.54 -24.06
CA GLU A 806 -9.21 -20.21 -23.74
C GLU A 806 -8.64 -19.15 -24.71
N ILE A 807 -7.87 -18.20 -24.17
CA ILE A 807 -7.12 -17.22 -24.99
C ILE A 807 -5.68 -17.24 -24.46
N SER A 808 -4.72 -17.40 -25.37
CA SER A 808 -3.29 -17.44 -25.02
C SER A 808 -2.45 -16.78 -26.13
N ALA A 809 -1.32 -16.19 -25.73
CA ALA A 809 -0.29 -15.78 -26.69
C ALA A 809 0.71 -16.96 -26.78
N VAL A 810 1.12 -17.28 -28.00
CA VAL A 810 1.80 -18.55 -28.30
C VAL A 810 2.96 -18.34 -29.31
N ASN A 811 4.00 -19.15 -29.16
CA ASN A 811 5.01 -19.33 -30.20
C ASN A 811 5.00 -20.75 -30.69
N THR A 812 5.34 -20.93 -31.96
N THR A 812 5.28 -20.94 -31.98
CA THR A 812 5.46 -22.20 -32.61
CA THR A 812 5.43 -22.26 -32.58
C THR A 812 6.96 -22.61 -32.68
C THR A 812 6.94 -22.62 -32.70
N ASN A 813 7.22 -23.92 -32.85
CA ASN A 813 8.62 -24.41 -33.00
C ASN A 813 9.19 -24.25 -34.38
N SER A 814 10.40 -23.72 -34.44
CA SER A 814 11.21 -23.71 -35.66
C SER A 814 12.68 -23.57 -35.31
N GLY A 815 13.54 -24.21 -36.11
CA GLY A 815 14.99 -24.02 -36.00
C GLY A 815 15.60 -24.86 -34.89
N THR A 816 16.82 -24.51 -34.49
CA THR A 816 17.52 -25.24 -33.46
C THR A 816 17.85 -24.26 -32.33
N ALA A 817 17.90 -24.78 -31.12
CA ALA A 817 18.11 -23.96 -29.94
C ALA A 817 19.48 -23.26 -29.96
N PRO A 818 19.53 -22.01 -29.47
CA PRO A 818 20.86 -21.45 -29.27
C PRO A 818 21.65 -22.17 -28.16
N THR A 819 22.93 -21.77 -28.03
CA THR A 819 23.79 -22.25 -26.98
C THR A 819 24.39 -21.07 -26.19
N LEU A 820 24.67 -21.34 -24.91
CA LEU A 820 25.39 -20.38 -24.08
C LEU A 820 26.70 -21.04 -23.70
N SER A 821 27.81 -20.36 -23.96
CA SER A 821 29.13 -20.86 -23.56
C SER A 821 30.08 -19.76 -23.07
N ALA A 822 31.24 -20.20 -22.57
CA ALA A 822 32.30 -19.32 -22.02
C ALA A 822 31.70 -18.37 -20.97
N THR A 823 30.93 -18.95 -20.07
CA THR A 823 30.16 -18.21 -19.06
C THR A 823 30.93 -18.15 -17.76
N GLY A 824 30.79 -17.04 -17.06
CA GLY A 824 31.47 -16.91 -15.77
C GLY A 824 31.36 -15.51 -15.23
N VAL A 825 32.04 -15.31 -14.10
CA VAL A 825 32.19 -13.99 -13.48
C VAL A 825 33.70 -13.78 -13.36
N ASN A 826 34.13 -12.53 -13.48
CA ASN A 826 35.54 -12.22 -13.67
C ASN A 826 36.38 -12.29 -12.39
N ALA A 827 35.75 -12.16 -11.21
CA ALA A 827 36.46 -12.48 -9.95
C ALA A 827 35.56 -13.31 -9.03
N SER A 828 36.14 -14.25 -8.30
CA SER A 828 35.37 -15.12 -7.36
C SER A 828 35.29 -14.50 -5.96
N ILE A 829 36.03 -13.42 -5.75
CA ILE A 829 36.09 -12.77 -4.45
C ILE A 829 36.28 -11.27 -4.67
N GLY A 830 35.66 -10.48 -3.79
CA GLY A 830 35.78 -9.03 -3.81
C GLY A 830 35.24 -8.43 -2.52
N ASN A 831 35.22 -7.11 -2.46
CA ASN A 831 34.57 -6.40 -1.34
C ASN A 831 33.36 -5.61 -1.85
N GLN A 832 32.76 -4.80 -0.99
CA GLN A 832 31.56 -4.04 -1.34
C GLN A 832 31.75 -3.01 -2.46
N SER A 833 32.99 -2.60 -2.75
CA SER A 833 33.30 -1.68 -3.85
C SER A 833 33.69 -2.40 -5.16
N THR A 834 33.91 -3.72 -5.12
CA THR A 834 34.34 -4.45 -6.32
C THR A 834 33.22 -4.45 -7.39
N VAL A 835 33.57 -4.13 -8.63
CA VAL A 835 32.63 -4.27 -9.74
C VAL A 835 32.84 -5.66 -10.32
N PHE A 836 31.81 -6.49 -10.29
CA PHE A 836 31.89 -7.84 -10.84
C PHE A 836 31.25 -7.80 -12.23
N THR A 837 31.92 -8.41 -13.22
CA THR A 837 31.42 -8.47 -14.56
C THR A 837 31.14 -9.92 -14.93
N TYR A 838 29.90 -10.21 -15.32
CA TYR A 838 29.51 -11.55 -15.76
C TYR A 838 29.57 -11.60 -17.27
N THR A 839 29.93 -12.76 -17.85
CA THR A 839 29.99 -12.89 -19.32
C THR A 839 29.43 -14.22 -19.77
N ALA A 840 28.86 -14.18 -20.97
CA ALA A 840 28.28 -15.31 -21.66
C ALA A 840 28.36 -15.05 -23.18
N THR A 841 28.62 -16.10 -23.93
CA THR A 841 28.62 -16.06 -25.39
C THR A 841 27.38 -16.80 -25.89
N TYR A 842 26.54 -16.10 -26.66
CA TYR A 842 25.35 -16.65 -27.28
C TYR A 842 25.73 -17.09 -28.70
N THR A 843 25.41 -18.34 -29.07
CA THR A 843 25.64 -18.86 -30.42
C THR A 843 24.36 -19.53 -30.88
N ASP A 844 24.00 -19.24 -32.13
CA ASP A 844 22.85 -19.86 -32.74
C ASP A 844 23.26 -20.29 -34.16
N ALA A 845 23.09 -21.57 -34.46
CA ALA A 845 23.58 -22.18 -35.71
C ALA A 845 22.96 -21.63 -37.01
N ASN A 846 21.98 -20.73 -36.88
CA ASN A 846 21.26 -20.14 -38.02
C ASN A 846 21.16 -18.59 -37.97
N ASN A 847 22.01 -17.93 -37.17
CA ASN A 847 22.05 -16.45 -37.03
C ASN A 847 20.82 -15.80 -36.46
N GLN A 848 20.08 -16.57 -35.67
CA GLN A 848 18.86 -16.09 -35.09
C GLN A 848 19.28 -15.41 -33.79
N ALA A 849 18.96 -14.12 -33.70
CA ALA A 849 19.35 -13.27 -32.59
C ALA A 849 18.53 -13.64 -31.33
N PRO A 850 19.05 -13.31 -30.12
CA PRO A 850 18.28 -13.63 -28.89
C PRO A 850 17.15 -12.66 -28.68
N PHE A 851 16.09 -13.11 -28.03
CA PHE A 851 15.08 -12.21 -27.46
C PHE A 851 15.68 -11.42 -26.29
N ASP A 852 16.46 -12.11 -25.48
CA ASP A 852 17.20 -11.49 -24.37
C ASP A 852 18.24 -12.51 -23.92
N VAL A 853 19.38 -12.02 -23.44
CA VAL A 853 20.37 -12.86 -22.77
C VAL A 853 20.46 -12.36 -21.33
N GLN A 854 20.23 -13.26 -20.38
CA GLN A 854 20.09 -12.87 -18.96
C GLN A 854 21.06 -13.60 -18.06
N VAL A 855 21.56 -12.87 -17.05
CA VAL A 855 22.20 -13.50 -15.89
C VAL A 855 21.20 -13.43 -14.72
N VAL A 856 21.08 -14.52 -13.96
CA VAL A 856 20.15 -14.62 -12.84
C VAL A 856 21.03 -14.80 -11.59
N ILE A 857 21.00 -13.79 -10.71
CA ILE A 857 21.90 -13.66 -9.58
C ILE A 857 21.08 -13.83 -8.32
N ASP A 858 21.28 -14.96 -7.64
CA ASP A 858 20.42 -15.40 -6.50
C ASP A 858 18.92 -15.34 -6.84
N GLY A 859 18.57 -15.64 -8.10
CA GLY A 859 17.19 -15.58 -8.54
C GLY A 859 16.75 -14.24 -9.14
N VAL A 860 17.58 -13.20 -9.01
CA VAL A 860 17.25 -11.88 -9.57
C VAL A 860 17.77 -11.78 -11.03
N ILE A 861 16.87 -11.43 -11.93
CA ILE A 861 17.09 -11.33 -13.38
C ILE A 861 17.71 -9.96 -13.73
N ARG A 862 18.84 -10.00 -14.45
CA ARG A 862 19.44 -8.82 -15.08
C ARG A 862 19.64 -9.09 -16.58
N SER A 863 19.12 -8.19 -17.43
CA SER A 863 19.37 -8.24 -18.87
C SER A 863 20.85 -7.89 -19.16
N MET A 864 21.50 -8.69 -19.99
CA MET A 864 22.91 -8.45 -20.35
C MET A 864 22.94 -7.62 -21.60
N THR A 865 24.04 -6.90 -21.79
CA THR A 865 24.21 -6.08 -22.99
C THR A 865 25.40 -6.60 -23.84
N ALA A 866 25.28 -6.49 -25.16
CA ALA A 866 26.30 -6.99 -26.09
C ALA A 866 27.63 -6.27 -25.85
N ALA A 867 28.72 -7.02 -25.65
CA ALA A 867 30.02 -6.40 -25.43
C ALA A 867 30.54 -5.68 -26.67
N ASP A 868 30.22 -6.18 -27.87
CA ASP A 868 30.69 -5.56 -29.12
C ASP A 868 29.52 -5.09 -29.99
N PRO A 869 29.21 -3.77 -29.95
CA PRO A 869 28.17 -3.13 -30.76
C PRO A 869 28.26 -3.37 -32.26
N THR A 870 29.47 -3.53 -32.80
CA THR A 870 29.65 -3.76 -34.25
C THR A 870 29.47 -5.22 -34.67
N ASP A 871 29.45 -6.14 -33.72
CA ASP A 871 29.26 -7.56 -34.03
C ASP A 871 27.77 -7.81 -34.32
N THR A 872 27.46 -8.28 -35.54
CA THR A 872 26.07 -8.63 -35.89
C THR A 872 25.89 -10.12 -36.26
N THR A 873 26.85 -10.98 -35.91
CA THR A 873 26.75 -12.42 -36.27
C THR A 873 26.61 -13.27 -34.98
N TYR A 874 25.74 -14.28 -35.05
CA TYR A 874 25.45 -15.17 -33.95
C TYR A 874 25.96 -16.61 -34.18
N SER A 875 26.10 -17.02 -35.45
CA SER A 875 26.60 -18.37 -35.78
C SER A 875 28.04 -18.63 -35.36
N ASP A 876 28.81 -17.55 -35.13
CA ASP A 876 30.19 -17.64 -34.63
C ASP A 876 30.36 -17.14 -33.18
N GLY A 877 29.26 -16.99 -32.45
CA GLY A 877 29.31 -16.45 -31.07
C GLY A 877 29.24 -14.93 -31.01
N ARG A 878 28.34 -14.43 -30.17
CA ARG A 878 28.34 -13.03 -29.74
C ARG A 878 28.39 -12.93 -28.20
N VAL A 879 29.27 -12.06 -27.69
CA VAL A 879 29.56 -11.95 -26.27
C VAL A 879 28.64 -10.92 -25.62
N TYR A 880 28.07 -11.28 -24.47
CA TYR A 880 27.20 -10.40 -23.69
C TYR A 880 27.83 -10.24 -22.32
N THR A 881 27.70 -9.05 -21.72
CA THR A 881 28.19 -8.78 -20.37
C THR A 881 27.19 -8.03 -19.49
N TYR A 882 27.41 -8.12 -18.18
CA TYR A 882 26.63 -7.38 -17.18
C TYR A 882 27.53 -7.11 -15.99
N ALA A 883 27.59 -5.85 -15.55
CA ALA A 883 28.51 -5.44 -14.46
C ALA A 883 27.72 -4.89 -13.26
N THR A 884 28.11 -5.29 -12.03
CA THR A 884 27.45 -4.78 -10.84
C THR A 884 28.33 -4.95 -9.59
N THR A 885 28.13 -4.09 -8.60
CA THR A 885 28.60 -4.36 -7.24
C THR A 885 27.57 -5.29 -6.58
N LEU A 886 27.96 -5.99 -5.51
CA LEU A 886 27.09 -6.92 -4.79
C LEU A 886 27.22 -6.73 -3.30
N PRO A 887 26.19 -7.11 -2.53
CA PRO A 887 26.33 -7.05 -1.05
C PRO A 887 27.09 -8.24 -0.43
N VAL A 888 27.45 -8.06 0.83
CA VAL A 888 28.19 -9.05 1.61
C VAL A 888 27.48 -10.42 1.63
N GLY A 889 28.27 -11.48 1.52
CA GLY A 889 27.79 -12.85 1.52
C GLY A 889 28.41 -13.64 0.37
N THR A 890 27.81 -14.82 0.11
CA THR A 890 28.25 -15.70 -0.96
C THR A 890 27.05 -15.90 -1.87
N HIS A 891 27.22 -15.48 -3.11
CA HIS A 891 26.19 -15.44 -4.14
C HIS A 891 26.25 -16.67 -5.00
N LYS A 892 25.31 -16.76 -5.95
CA LYS A 892 25.33 -17.74 -7.04
C LYS A 892 24.66 -17.14 -8.30
N PHE A 893 24.88 -17.81 -9.42
CA PHE A 893 24.42 -17.33 -10.70
C PHE A 893 24.31 -18.39 -11.76
N TYR A 894 23.47 -18.12 -12.75
CA TYR A 894 23.41 -18.89 -13.98
C TYR A 894 22.92 -17.98 -15.10
N PHE A 895 23.04 -18.45 -16.34
CA PHE A 895 22.61 -17.66 -17.50
C PHE A 895 21.45 -18.31 -18.21
N ARG A 896 20.66 -17.50 -18.90
CA ARG A 896 19.57 -18.02 -19.74
C ARG A 896 19.23 -17.14 -20.93
N THR A 897 18.63 -17.76 -21.95
CA THR A 897 18.27 -17.03 -23.16
C THR A 897 17.16 -17.76 -23.88
N THR A 898 16.53 -17.07 -24.84
CA THR A 898 15.69 -17.75 -25.80
C THR A 898 15.71 -16.99 -27.12
N ASP A 899 15.42 -17.72 -28.20
CA ASP A 899 15.13 -17.11 -29.50
C ASP A 899 13.62 -17.04 -29.77
N THR A 900 12.83 -17.51 -28.80
CA THR A 900 11.37 -17.52 -28.84
C THR A 900 10.70 -18.69 -29.60
N THR A 901 11.41 -19.33 -30.52
CA THR A 901 10.83 -20.43 -31.33
C THR A 901 11.41 -21.82 -30.97
N THR A 902 12.28 -21.87 -29.96
CA THR A 902 12.75 -23.09 -29.34
C THR A 902 12.68 -22.93 -27.81
N ASN A 903 12.63 -24.05 -27.08
CA ASN A 903 12.53 -23.97 -25.62
C ASN A 903 13.73 -23.23 -25.03
N PHE A 904 13.50 -22.44 -23.99
CA PHE A 904 14.59 -21.62 -23.45
C PHE A 904 15.76 -22.46 -22.94
N VAL A 905 16.94 -21.87 -23.01
CA VAL A 905 18.21 -22.53 -22.72
C VAL A 905 18.79 -21.90 -21.47
N SER A 906 19.26 -22.72 -20.54
CA SER A 906 19.92 -22.20 -19.32
C SER A 906 21.21 -23.00 -19.01
N THR A 907 22.16 -22.37 -18.33
CA THR A 907 23.37 -23.02 -17.82
C THR A 907 23.14 -23.49 -16.40
N SER A 908 23.99 -24.39 -15.93
CA SER A 908 23.89 -24.88 -14.55
C SER A 908 24.44 -23.82 -13.61
N VAL A 909 23.93 -23.79 -12.39
CA VAL A 909 24.33 -22.82 -11.41
C VAL A 909 25.84 -22.84 -11.07
N GLN A 910 26.48 -21.68 -11.08
CA GLN A 910 27.86 -21.49 -10.66
C GLN A 910 27.79 -20.77 -9.30
N THR A 911 28.73 -21.09 -8.42
CA THR A 911 28.76 -20.49 -7.09
C THR A 911 29.64 -19.21 -7.09
N GLY A 912 29.32 -18.26 -6.23
CA GLY A 912 30.09 -17.03 -6.13
C GLY A 912 29.42 -15.84 -6.83
N PRO A 913 30.03 -14.67 -6.75
CA PRO A 913 31.25 -14.43 -5.95
C PRO A 913 30.97 -14.37 -4.45
N THR A 914 32.03 -14.42 -3.66
CA THR A 914 31.94 -14.12 -2.26
C THR A 914 32.37 -12.67 -2.05
N VAL A 915 31.59 -11.92 -1.26
CA VAL A 915 31.85 -10.52 -0.99
C VAL A 915 32.09 -10.33 0.50
N ILE A 916 33.23 -9.72 0.82
CA ILE A 916 33.66 -9.42 2.18
C ILE A 916 33.38 -7.94 2.45
N ARG A 917 33.15 -7.54 3.70
CA ARG A 917 32.97 -6.11 4.03
C ARG A 917 34.21 -5.29 3.67
N ASN A 918 34.01 -4.05 3.20
CA ASN A 918 35.14 -3.10 3.00
C ASN A 918 35.92 -2.92 4.30
N LYS A 919 35.19 -2.78 5.40
CA LYS A 919 35.79 -2.53 6.71
C LYS A 919 35.32 -3.51 7.78
N LEU A 920 36.27 -4.05 8.56
CA LEU A 920 35.97 -4.90 9.70
C LEU A 920 36.23 -4.07 10.96
N GLU A 921 35.16 -3.51 11.51
CA GLU A 921 35.26 -2.50 12.55
C GLU A 921 35.77 -3.15 13.86
N ALA A 922 36.78 -2.55 14.48
CA ALA A 922 37.36 -3.09 15.71
C ALA A 922 36.34 -3.21 16.88
N GLU A 923 35.40 -2.28 16.94
CA GLU A 923 34.33 -2.27 17.96
C GLU A 923 33.25 -3.34 17.80
N VAL A 924 33.18 -3.96 16.62
CA VAL A 924 32.22 -5.02 16.32
C VAL A 924 32.87 -6.40 16.45
N LEU A 925 34.12 -6.54 16.06
CA LEU A 925 34.85 -7.80 16.19
C LEU A 925 34.88 -8.27 17.67
N SER A 926 34.76 -9.57 17.90
CA SER A 926 34.87 -10.14 19.24
C SER A 926 36.34 -10.25 19.64
N ILE A 927 36.63 -10.09 20.93
CA ILE A 927 37.99 -10.29 21.45
C ILE A 927 38.13 -11.73 21.95
N ASN A 928 38.97 -12.52 21.29
CA ASN A 928 39.24 -13.90 21.69
C ASN A 928 40.08 -13.97 22.98
N LEU A 929 40.97 -12.99 23.17
CA LEU A 929 41.93 -12.98 24.29
C LEU A 929 42.48 -11.57 24.58
N GLU A 960 44.02 -10.09 21.13
CA GLU A 960 43.75 -11.04 20.07
C GLU A 960 42.29 -11.01 19.61
N TYR A 961 42.09 -10.53 18.37
CA TYR A 961 40.76 -10.41 17.75
C TYR A 961 40.40 -11.70 17.01
N ALA A 962 39.13 -12.09 17.08
CA ALA A 962 38.58 -13.09 16.18
C ALA A 962 38.04 -12.37 14.93
N VAL A 963 38.52 -12.80 13.76
CA VAL A 963 38.19 -12.17 12.47
C VAL A 963 37.71 -13.26 11.52
N ASN A 964 36.45 -13.16 11.08
CA ASN A 964 35.94 -14.12 10.13
C ASN A 964 36.40 -13.77 8.71
N VAL A 965 36.85 -14.79 7.98
CA VAL A 965 37.27 -14.65 6.59
C VAL A 965 36.38 -15.59 5.77
N PRO A 966 35.53 -15.04 4.92
CA PRO A 966 34.44 -15.86 4.36
C PRO A 966 34.86 -16.86 3.29
N LYS A 967 36.09 -16.76 2.79
CA LYS A 967 36.54 -17.62 1.71
C LYS A 967 38.05 -17.70 1.73
N ALA A 968 38.57 -18.91 1.53
CA ALA A 968 40.00 -19.11 1.36
C ALA A 968 40.51 -18.22 0.23
N GLY A 969 41.67 -17.61 0.42
CA GLY A 969 42.31 -16.82 -0.64
C GLY A 969 43.39 -15.93 -0.06
N THR A 970 43.96 -15.07 -0.90
CA THR A 970 44.97 -14.10 -0.50
C THR A 970 44.32 -12.73 -0.35
N TYR A 971 44.67 -12.04 0.73
CA TYR A 971 44.12 -10.72 1.05
C TYR A 971 45.23 -9.75 1.39
N GLN A 972 45.11 -8.51 0.90
CA GLN A 972 45.97 -7.39 1.34
C GLN A 972 45.51 -7.01 2.75
N VAL A 973 46.40 -7.13 3.73
CA VAL A 973 46.08 -6.81 5.12
C VAL A 973 46.48 -5.38 5.50
N SER A 974 45.56 -4.70 6.19
CA SER A 974 45.79 -3.32 6.64
C SER A 974 45.02 -2.96 7.92
N ALA A 975 45.50 -1.94 8.63
CA ALA A 975 44.83 -1.39 9.82
C ALA A 975 45.08 0.11 9.94
N UNK A 976 39.54 -0.10 12.65
CA UNK A 976 39.16 -1.16 11.69
C UNK A 976 40.37 -1.95 11.19
N UNK A 977 40.13 -3.20 10.76
CA UNK A 977 41.08 -3.99 9.95
C UNK A 977 40.46 -4.04 8.57
N UNK A 978 41.29 -4.04 7.53
CA UNK A 978 40.81 -4.20 6.15
C UNK A 978 41.51 -5.40 5.56
N UNK A 979 40.75 -6.24 4.88
CA UNK A 979 41.29 -7.34 4.08
C UNK A 979 40.74 -7.10 2.69
N UNK A 980 41.59 -6.63 1.76
CA UNK A 980 41.17 -6.40 0.36
C UNK A 980 41.59 -7.60 -0.44
N UNK A 981 40.65 -8.28 -1.09
CA UNK A 981 40.96 -9.48 -1.88
C UNK A 981 41.92 -9.18 -3.01
N UNK A 982 42.85 -10.11 -3.25
CA UNK A 982 43.75 -10.12 -4.42
C UNK A 982 43.21 -11.27 -5.24
N UNK A 983 42.29 -10.94 -6.15
CA UNK A 983 41.42 -11.93 -6.85
C UNK A 983 42.11 -13.16 -7.43
N UNK A 984 36.93 11.29 13.80
CA UNK A 984 35.81 10.41 13.49
C UNK A 984 34.73 10.63 14.51
N UNK A 985 34.92 10.09 15.72
CA UNK A 985 33.96 10.18 16.83
C UNK A 985 34.59 9.59 18.09
N UNK A 986 33.80 9.00 19.00
CA UNK A 986 34.36 8.38 20.22
C UNK A 986 33.44 7.43 20.96
N UNK A 987 34.09 6.50 21.69
CA UNK A 987 33.49 5.38 22.43
C UNK A 987 34.46 4.21 22.30
N UNK A 988 34.43 3.26 23.24
CA UNK A 988 35.24 2.03 23.13
C UNK A 988 34.82 1.01 24.16
N UNK A 989 46.54 4.63 8.54
CA UNK A 989 46.60 3.35 7.82
C UNK A 989 48.00 2.81 7.76
N UNK A 990 48.16 1.52 8.09
CA UNK A 990 49.44 0.81 8.07
C UNK A 990 49.30 -0.48 7.26
N UNK A 991 50.01 -0.54 6.12
CA UNK A 991 49.96 -1.73 5.24
C UNK A 991 50.83 -2.79 5.87
N UNK A 992 50.25 -3.96 6.12
CA UNK A 992 50.94 -5.08 6.78
C UNK A 992 51.05 -6.28 5.88
N GLY A 993 51.13 -6.04 4.56
CA GLY A 993 51.44 -7.09 3.57
C GLY A 993 50.26 -7.93 3.11
N UNK A 994 50.56 -9.03 2.41
CA UNK A 994 49.56 -10.02 1.99
C UNK A 994 49.56 -11.19 2.95
N UNK A 995 48.40 -11.83 3.12
CA UNK A 995 48.32 -13.12 3.83
C UNK A 995 47.50 -14.06 2.98
N UNK A 996 47.81 -15.36 3.04
CA UNK A 996 47.01 -16.43 2.38
C UNK A 996 46.27 -17.24 3.45
N UNK A 997 44.93 -17.25 3.43
CA UNK A 997 44.13 -17.98 4.42
C UNK A 997 43.73 -19.32 3.82
N UNK A 998 44.07 -20.42 4.51
CA UNK A 998 43.90 -21.77 3.95
C UNK A 998 42.47 -22.25 3.93
N UNK A 999 41.69 -21.89 4.95
CA UNK A 999 40.29 -22.36 5.10
C UNK A 999 39.37 -21.23 5.54
N UNK A 1000 38.10 -21.26 5.07
CA UNK A 1000 37.08 -20.28 5.48
C UNK A 1000 36.76 -20.44 6.96
N UNK A 1001 36.40 -19.34 7.64
CA UNK A 1001 36.03 -19.32 9.08
C UNK A 1001 36.83 -18.37 9.96
N UNK A 1002 36.78 -18.56 11.29
CA UNK A 1002 37.35 -17.62 12.27
C UNK A 1002 38.86 -17.71 12.25
N UNK A 1003 39.53 -16.58 11.99
CA UNK A 1003 40.99 -16.42 12.16
C UNK A 1003 41.30 -15.67 13.41
N UNK A 1004 42.51 -15.89 13.95
CA UNK A 1004 42.96 -15.22 15.17
C UNK A 1004 44.00 -14.21 14.76
N UNK A 1005 43.68 -12.92 14.97
CA UNK A 1005 44.57 -11.76 14.66
C UNK A 1005 45.10 -11.13 15.94
N UNK A 1006 46.38 -11.42 16.25
CA UNK A 1006 47.05 -10.90 17.47
C UNK A 1006 47.88 -9.65 17.13
N UNK A 1007 33.27 5.03 16.22
CA UNK A 1007 33.83 4.29 17.35
C UNK A 1007 35.13 3.56 17.04
N UNK A 1008 35.93 3.32 18.08
CA UNK A 1008 37.22 2.62 18.00
C UNK A 1008 37.32 1.70 19.20
N UNK A 1009 38.22 0.72 19.18
CA UNK A 1009 38.43 -0.20 20.33
C UNK A 1009 39.81 -0.01 20.89
#